data_7LQ1
#
_entry.id   7LQ1
#
_cell.length_a   90.551
_cell.length_b   108.590
_cell.length_c   142.424
_cell.angle_alpha   90.000
_cell.angle_beta   90.000
_cell.angle_gamma   90.000
#
_symmetry.space_group_name_H-M   'P 21 21 21'
#
loop_
_entity.id
_entity.type
_entity.pdbx_description
1 polymer 'Phosphatidylinositol 4,5-bisphosphate 3-kinase catalytic subunit delta isoform'
2 polymer 'Phosphatidylinositol 3-kinase regulatory subunit alpha'
3 non-polymer N-(5-(6-(2-((2S,6R)-2,6-dimethylmorpholino)pyridin-4-yl)-1-oxoisoindolin-4-yl)-2-methoxypyridin-3-yl)methanesulfonamide
4 non-polymer 'CHLORIDE ION'
5 water water
#
loop_
_entity_poly.entity_id
_entity_poly.type
_entity_poly.pdbx_seq_one_letter_code
_entity_poly.pdbx_strand_id
1 'polypeptide(L)'
;MPPGVDCPMEFWTKEENQSVVVDFLLPTGVYLNFPVSRNANLSTIKQLLWHRAQYEPLFHMLSGPEAYVFTCINQTAEQQ
ELEDEQRRLCDVQPFLPVLRLVAREGDRVKKLINSQISLLIGKGLHEFDSLCDPEVNDFRAKMCQFCEEAAARRQQLGWE
AWLQYSFPLQLEPSAQTWGPGTLRLPNRALLVNVKFEGSEESFTFQVSTKDVPLALMACALRKKATVFRQPLVEQPEDYT
LQVNGRHEYLYGSYPLCQFQYICSCLHSGLTPHLTMVHSSSILAMRDEQSNPAPQVQKPRAKPPPIPAKKPSSVSLWSLE
QPFRIELIQGSKVNADERMKLVVQAGLFHGNEMLCKTVSSSEVSVCSEPVWKQRLEFDINICDLPRMARLCFALYAVIEK
AKKARSTKKKSKKADCPIAWANLMLFDYKDQLKTGERCLYMWPSVPDEKGELLNPTGTVRSNPNTDSAAALLICLPEVAP
HPVYYPALEKILELGRHSECVHVTEEEQLQLREILERRGSGELYEHEKDLVWKLRHEVQEHFPEALARLLLVTKWNKHED
VAQMLYLLCSWPELPVLSALELLDFSFPDCHVGSFAIKSLRKLTDDELFQYLLQLVQVLKYESYLDCELTKFLLDRALAN
RKIGHFLFWHLRSEMHVPSVALRFGLILEAYCRGSTHHMKVLMKQGEALSKLKALNDFVKLSSQKTPKPQTKELMHLCMR
QEAYLEALSHLQSPLDPSTLLAEVCVEQCTFMDSKMKPLWIMYSNEEAGSGGSVGIIFKNGDDLRQDMLTLQMIQLMDVL
WKQEGLDLRMTPYGCLPTGDRTGLIEVVLRSDTIANIQLNKSNMAATAAFNKDALLNWLKSKNPGEALDRAIEEFTLSCA
GYCVATYVLGIGDRHSDNIMIRESGQLFHIDFGHFLGNFKTKFGINRERVPFILTYDFVHVIQQGKTNNSEKFERFRGYC
ERAYTILRRHGLLFLHLFALMRAAGLPELSCSKDIQYLKDSLALGKTEEEALKHFRVKFNEALRESWKTKVNWLAHNVSK
DNRQ
;
A
2 'polypeptide(L)'
;YQQDQVVKEDNIEAVGKKLHEYNTQFQEKSREYDRLYEDYTRTSQEIQMKRTAIEAFNETIKIFEEQCQTQERYSKEYIE
KFKREGNETEIQRIMHNYEKLKSRISEIVDSRRRLEEDLKKQAAEYREIDKRMNSIKPDLIQLRKTRDQYLMWLTQKGVR
QKKLNEWLG
;
B
#
loop_
_chem_comp.id
_chem_comp.type
_chem_comp.name
_chem_comp.formula
CL non-polymer 'CHLORIDE ION' 'Cl -1'
YA7 non-polymer N-(5-(6-(2-((2S,6R)-2,6-dimethylmorpholino)pyridin-4-yl)-1-oxoisoindolin-4-yl)-2-methoxypyridin-3-yl)methanesulfonamide 'C26 H29 N5 O5 S'
#
# COMPACT_ATOMS: atom_id res chain seq x y z
N ASN A 17 -0.58 1.76 36.88
CA ASN A 17 -1.39 2.69 37.71
C ASN A 17 -2.23 3.64 36.85
N GLN A 18 -3.20 4.31 37.48
CA GLN A 18 -4.17 5.14 36.76
C GLN A 18 -3.64 6.56 36.52
N SER A 19 -3.06 7.18 37.55
CA SER A 19 -2.64 8.59 37.47
C SER A 19 -1.14 8.77 37.18
N VAL A 20 -0.81 9.79 36.38
CA VAL A 20 0.56 10.13 35.99
C VAL A 20 1.02 11.44 36.62
N VAL A 21 2.21 11.43 37.19
CA VAL A 21 2.91 12.68 37.56
C VAL A 21 3.23 13.47 36.29
N VAL A 22 2.82 14.73 36.27
CA VAL A 22 3.01 15.59 35.09
C VAL A 22 3.79 16.85 35.46
N ASP A 23 4.76 17.19 34.61
CA ASP A 23 5.54 18.42 34.74
C ASP A 23 4.80 19.58 34.06
N PHE A 24 4.67 20.70 34.76
CA PHE A 24 3.99 21.89 34.23
C PHE A 24 4.94 23.06 34.25
N LEU A 25 5.18 23.63 33.06
CA LEU A 25 6.10 24.74 32.89
C LEU A 25 5.29 26.00 32.61
N LEU A 26 5.31 26.94 33.56
CA LEU A 26 4.56 28.20 33.44
C LEU A 26 5.43 29.30 32.81
N PRO A 27 4.80 30.25 32.07
CA PRO A 27 5.51 31.28 31.31
C PRO A 27 6.23 32.35 32.17
N THR A 28 5.90 32.40 33.47
CA THR A 28 6.68 33.16 34.45
C THR A 28 8.04 32.50 34.77
N GLY A 29 8.27 31.28 34.29
CA GLY A 29 9.46 30.49 34.62
C GLY A 29 9.17 29.43 35.66
N VAL A 30 8.08 29.59 36.41
CA VAL A 30 7.76 28.70 37.52
C VAL A 30 7.44 27.28 37.03
N TYR A 31 7.87 26.31 37.85
CA TYR A 31 7.77 24.89 37.56
C TYR A 31 6.94 24.24 38.64
N LEU A 32 6.05 23.34 38.21
CA LEU A 32 5.05 22.76 39.09
C LEU A 32 4.81 21.33 38.64
N ASN A 33 4.74 20.42 39.62
CA ASN A 33 4.78 18.98 39.37
C ASN A 33 3.75 18.28 40.26
N PHE A 34 2.75 17.63 39.65
CA PHE A 34 1.70 16.94 40.42
C PHE A 34 0.95 15.87 39.63
N PRO A 35 0.37 14.86 40.31
CA PRO A 35 -0.31 13.76 39.63
C PRO A 35 -1.69 14.15 39.08
N VAL A 36 -1.99 13.66 37.89
CA VAL A 36 -3.30 13.83 37.24
C VAL A 36 -3.68 12.48 36.62
N SER A 37 -4.98 12.25 36.40
CA SER A 37 -5.46 10.98 35.83
C SER A 37 -5.17 10.90 34.34
N ARG A 38 -4.74 9.72 33.87
CA ARG A 38 -4.53 9.44 32.44
C ARG A 38 -5.75 9.77 31.58
N ASN A 39 -6.94 9.42 32.09
CA ASN A 39 -8.22 9.69 31.40
C ASN A 39 -8.67 11.15 31.40
N ALA A 40 -8.04 12.02 32.18
CA ALA A 40 -8.46 13.42 32.28
C ALA A 40 -8.19 14.16 30.99
N ASN A 41 -9.22 14.88 30.49
CA ASN A 41 -9.05 15.76 29.33
C ASN A 41 -8.22 16.99 29.66
N LEU A 42 -7.59 17.58 28.64
CA LEU A 42 -6.65 18.69 28.85
C LEU A 42 -7.28 19.92 29.51
N SER A 43 -8.58 20.15 29.27
CA SER A 43 -9.31 21.25 29.91
C SER A 43 -9.42 21.05 31.42
N THR A 44 -9.70 19.82 31.85
CA THR A 44 -9.68 19.46 33.28
C THR A 44 -8.29 19.64 33.91
N ILE A 45 -7.24 19.30 33.17
CA ILE A 45 -5.88 19.42 33.70
C ILE A 45 -5.52 20.89 33.92
N LYS A 46 -5.91 21.75 32.97
CA LYS A 46 -5.70 23.18 33.08
C LYS A 46 -6.42 23.78 34.31
N GLN A 47 -7.62 23.30 34.63
CA GLN A 47 -8.32 23.71 35.86
C GLN A 47 -7.50 23.33 37.11
N LEU A 48 -7.12 22.06 37.20
CA LEU A 48 -6.27 21.56 38.28
C LEU A 48 -4.97 22.36 38.36
N LEU A 49 -4.43 22.74 37.21
CA LEU A 49 -3.18 23.52 37.15
C LEU A 49 -3.38 24.91 37.74
N TRP A 50 -4.47 25.58 37.36
CA TRP A 50 -4.77 26.89 37.91
C TRP A 50 -5.07 26.87 39.36
N HIS A 51 -5.73 25.81 39.83
CA HIS A 51 -5.98 25.66 41.27
C HIS A 51 -4.71 25.53 42.05
N ARG A 52 -3.76 24.75 41.54
CA ARG A 52 -2.46 24.57 42.19
C ARG A 52 -1.55 25.79 42.03
N ALA A 53 -1.59 26.45 40.87
CA ALA A 53 -0.71 27.61 40.58
C ALA A 53 -0.93 28.79 41.54
N GLN A 54 -2.19 29.03 41.93
CA GLN A 54 -2.54 29.98 43.01
C GLN A 54 -1.48 30.05 44.09
N TYR A 55 -1.15 28.89 44.65
CA TYR A 55 -0.31 28.78 45.83
C TYR A 55 1.18 28.67 45.50
N GLU A 56 1.54 28.92 44.24
CA GLU A 56 2.94 29.00 43.81
C GLU A 56 3.27 30.43 43.37
N PRO A 57 4.56 30.82 43.45
CA PRO A 57 4.97 32.21 43.16
C PRO A 57 4.58 32.75 41.79
N LEU A 58 4.40 34.07 41.72
CA LEU A 58 4.14 34.81 40.48
C LEU A 58 2.81 34.45 39.81
N PHE A 59 1.84 33.97 40.58
CA PHE A 59 0.54 33.62 40.04
C PHE A 59 -0.17 34.82 39.44
N HIS A 60 -0.04 35.96 40.12
CA HIS A 60 -0.77 37.18 39.75
C HIS A 60 -0.33 37.82 38.48
N MET A 61 0.79 37.33 37.93
CA MET A 61 1.31 37.80 36.64
C MET A 61 0.67 37.09 35.46
N LEU A 62 0.31 35.83 35.64
CA LEU A 62 -0.38 35.04 34.61
C LEU A 62 -1.69 35.70 34.16
N SER A 63 -2.00 35.57 32.87
CA SER A 63 -3.32 35.89 32.35
C SER A 63 -4.28 34.72 32.69
N GLY A 64 -5.47 34.70 32.08
CA GLY A 64 -6.46 33.66 32.33
C GLY A 64 -6.09 32.34 31.65
N PRO A 65 -6.65 31.20 32.12
CA PRO A 65 -6.40 29.89 31.49
C PRO A 65 -6.62 29.87 29.97
N GLU A 66 -7.66 30.55 29.51
CA GLU A 66 -8.01 30.59 28.10
C GLU A 66 -6.97 31.36 27.26
N ALA A 67 -6.23 32.26 27.91
CA ALA A 67 -5.15 33.00 27.25
C ALA A 67 -3.96 32.12 26.81
N TYR A 68 -3.87 30.90 27.34
CA TYR A 68 -2.78 29.98 27.06
C TYR A 68 -3.23 28.64 26.46
N VAL A 69 -2.27 27.98 25.81
CA VAL A 69 -2.44 26.65 25.20
C VAL A 69 -1.30 25.74 25.68
N PHE A 70 -1.63 24.53 26.09
CA PHE A 70 -0.61 23.54 26.42
C PHE A 70 0.21 23.18 25.18
N THR A 71 1.52 22.97 25.40
CA THR A 71 2.43 22.46 24.39
C THR A 71 3.09 21.19 24.96
N CYS A 72 3.50 20.29 24.06
CA CYS A 72 4.18 19.04 24.46
C CYS A 72 4.98 18.44 23.30
N ILE A 73 5.85 17.50 23.64
CA ILE A 73 6.65 16.76 22.66
C ILE A 73 5.98 15.41 22.44
N ASN A 74 5.37 15.21 21.27
CA ASN A 74 4.63 13.98 21.00
C ASN A 74 5.53 12.78 20.61
N GLN A 75 4.91 11.63 20.33
CA GLN A 75 5.67 10.41 20.04
C GLN A 75 6.62 10.55 18.84
N THR A 76 6.27 11.42 17.89
CA THR A 76 7.11 11.74 16.75
C THR A 76 8.08 12.92 16.98
N ALA A 77 8.46 13.17 18.23
CA ALA A 77 9.56 14.09 18.59
C ALA A 77 9.37 15.56 18.18
N GLU A 78 8.12 15.97 17.99
CA GLU A 78 7.79 17.33 17.55
C GLU A 78 6.98 18.03 18.61
N GLN A 79 7.20 19.34 18.76
CA GLN A 79 6.35 20.17 19.60
C GLN A 79 4.97 20.23 18.98
N GLN A 80 3.95 20.16 19.82
CA GLN A 80 2.55 20.24 19.38
C GLN A 80 1.80 21.18 20.28
N GLU A 81 1.22 22.24 19.71
CA GLU A 81 0.26 23.05 20.46
C GLU A 81 -1.06 22.28 20.48
N LEU A 82 -1.51 21.89 21.68
CA LEU A 82 -2.72 21.09 21.85
C LEU A 82 -3.96 21.97 21.90
N GLU A 83 -4.54 22.24 20.72
CA GLU A 83 -5.63 23.20 20.62
C GLU A 83 -6.95 22.61 21.13
N ASP A 84 -7.29 21.41 20.68
CA ASP A 84 -8.48 20.70 21.17
C ASP A 84 -8.20 20.19 22.57
N GLU A 85 -8.78 20.86 23.56
CA GLU A 85 -8.61 20.49 24.98
C GLU A 85 -9.69 19.52 25.48
N GLN A 86 -10.53 19.01 24.58
CA GLN A 86 -11.48 17.93 24.89
C GLN A 86 -10.85 16.55 24.65
N ARG A 87 -9.53 16.45 24.80
CA ARG A 87 -8.80 15.25 24.48
C ARG A 87 -8.11 14.75 25.74
N ARG A 88 -8.17 13.44 25.95
CA ARG A 88 -7.57 12.82 27.13
C ARG A 88 -6.05 12.84 26.98
N LEU A 89 -5.35 12.98 28.11
CA LEU A 89 -3.90 12.94 28.12
C LEU A 89 -3.35 11.62 27.57
N CYS A 90 -4.08 10.53 27.78
CA CYS A 90 -3.69 9.21 27.26
C CYS A 90 -3.80 9.11 25.73
N ASP A 91 -4.67 9.93 25.14
CA ASP A 91 -4.82 10.01 23.67
C ASP A 91 -3.91 11.07 23.06
N VAL A 92 -3.52 12.10 23.83
CA VAL A 92 -2.52 13.07 23.38
C VAL A 92 -1.19 12.36 23.28
N GLN A 93 -0.87 11.60 24.34
CA GLN A 93 0.22 10.66 24.34
C GLN A 93 1.55 11.36 24.10
N PRO A 94 1.96 12.23 25.04
CA PRO A 94 3.22 12.93 24.89
C PRO A 94 4.38 11.99 25.18
N PHE A 95 5.57 12.35 24.75
CA PHE A 95 6.75 11.50 24.90
C PHE A 95 7.05 11.31 26.39
N LEU A 96 7.24 12.42 27.09
CA LEU A 96 7.31 12.45 28.54
C LEU A 96 6.13 13.28 29.06
N PRO A 97 5.66 12.99 30.28
CA PRO A 97 4.50 13.71 30.81
C PRO A 97 4.89 15.13 31.23
N VAL A 98 5.03 15.98 30.23
CA VAL A 98 5.55 17.35 30.38
C VAL A 98 4.70 18.26 29.52
N LEU A 99 4.06 19.24 30.16
CA LEU A 99 3.17 20.19 29.48
C LEU A 99 3.65 21.61 29.76
N ARG A 100 3.75 22.42 28.71
CA ARG A 100 4.28 23.79 28.80
C ARG A 100 3.21 24.77 28.35
N LEU A 101 3.04 25.86 29.09
CA LEU A 101 2.05 26.88 28.74
C LEU A 101 2.67 27.93 27.84
N VAL A 102 2.00 28.22 26.72
CA VAL A 102 2.49 29.22 25.77
C VAL A 102 1.35 30.09 25.26
N ALA A 103 1.73 31.22 24.69
CA ALA A 103 0.77 32.20 24.17
C ALA A 103 -0.05 31.58 23.05
N ARG A 104 -1.37 31.75 23.12
CA ARG A 104 -2.31 31.12 22.20
C ARG A 104 -2.07 31.52 20.74
N GLU A 105 -2.11 32.82 20.46
CA GLU A 105 -2.14 33.32 19.07
C GLU A 105 -0.83 33.12 18.29
N GLY A 106 -0.95 33.20 16.96
CA GLY A 106 0.20 33.18 16.04
C GLY A 106 -0.02 32.30 14.82
N ASP A 107 -1.14 32.52 14.11
CA ASP A 107 -1.61 31.65 13.01
C ASP A 107 -1.78 30.19 13.48
N ARG A 108 -2.82 29.98 14.29
CA ARG A 108 -3.09 28.67 14.89
C ARG A 108 -3.61 27.63 13.89
N VAL A 109 -4.06 28.08 12.71
CA VAL A 109 -4.61 27.18 11.69
C VAL A 109 -3.52 26.32 11.04
N LYS A 110 -2.42 26.94 10.63
CA LYS A 110 -1.32 26.22 9.98
C LYS A 110 -0.53 25.35 10.96
N LYS A 111 -0.32 25.88 12.17
CA LYS A 111 0.32 25.13 13.27
C LYS A 111 -0.40 23.80 13.55
N LEU A 112 -1.73 23.88 13.67
CA LEU A 112 -2.57 22.72 14.00
C LEU A 112 -2.56 21.66 12.89
N ILE A 113 -2.59 22.08 11.64
CA ILE A 113 -2.53 21.15 10.49
C ILE A 113 -1.20 20.43 10.48
N ASN A 114 -0.10 21.20 10.45
CA ASN A 114 1.26 20.66 10.48
C ASN A 114 1.47 19.59 11.56
N SER A 115 0.87 19.81 12.73
CA SER A 115 0.90 18.82 13.81
C SER A 115 0.12 17.56 13.46
N GLN A 116 -1.12 17.71 13.02
CA GLN A 116 -2.00 16.57 12.73
C GLN A 116 -1.50 15.71 11.59
N ILE A 117 -0.85 16.33 10.59
CA ILE A 117 -0.24 15.60 9.47
C ILE A 117 0.81 14.60 9.97
N SER A 118 1.71 15.07 10.84
CA SER A 118 2.81 14.25 11.40
C SER A 118 2.28 12.98 12.06
N LEU A 119 1.30 13.15 12.93
CA LEU A 119 0.67 12.01 13.61
C LEU A 119 -0.13 11.10 12.66
N LEU A 120 -0.78 11.70 11.66
CA LEU A 120 -1.61 10.95 10.71
C LEU A 120 -0.74 10.09 9.75
N ILE A 121 0.27 10.71 9.15
CA ILE A 121 1.14 10.03 8.17
C ILE A 121 2.16 9.09 8.82
N GLY A 122 2.39 9.22 10.12
CA GLY A 122 3.32 8.35 10.86
C GLY A 122 4.69 8.97 11.05
N LYS A 123 5.25 9.53 9.98
CA LYS A 123 6.54 10.23 10.03
C LYS A 123 6.34 11.69 10.46
N GLY A 124 7.30 12.23 11.22
CA GLY A 124 7.27 13.64 11.64
C GLY A 124 7.79 14.57 10.56
N LEU A 125 7.07 15.68 10.32
CA LEU A 125 7.42 16.64 9.25
C LEU A 125 8.84 17.22 9.36
N HIS A 126 9.36 17.31 10.59
CA HIS A 126 10.75 17.72 10.85
C HIS A 126 11.77 16.78 10.25
N GLU A 127 11.41 15.51 10.05
CA GLU A 127 12.31 14.52 9.43
C GLU A 127 12.55 14.79 7.95
N PHE A 128 11.66 15.53 7.30
CA PHE A 128 11.91 16.04 5.95
C PHE A 128 12.92 17.19 5.99
N ASP A 129 12.72 18.13 6.92
CA ASP A 129 13.63 19.28 7.11
C ASP A 129 15.06 18.82 7.41
N SER A 130 15.19 17.97 8.44
CA SER A 130 16.49 17.38 8.85
C SER A 130 17.41 16.95 7.71
N LEU A 131 16.82 16.40 6.65
CA LEU A 131 17.57 15.90 5.49
C LEU A 131 18.39 16.97 4.75
N CYS A 132 17.96 18.23 4.84
CA CYS A 132 18.62 19.35 4.16
C CYS A 132 18.81 19.03 2.66
N ASP A 133 17.73 18.53 2.04
CA ASP A 133 17.70 18.13 0.65
C ASP A 133 16.87 19.17 -0.10
N PRO A 134 17.43 19.80 -1.17
CA PRO A 134 16.64 20.70 -2.01
C PRO A 134 15.43 20.02 -2.66
N GLU A 135 15.65 18.84 -3.26
CA GLU A 135 14.60 18.07 -3.93
C GLU A 135 13.36 17.85 -3.08
N VAL A 136 13.59 17.51 -1.81
CA VAL A 136 12.51 17.39 -0.84
C VAL A 136 11.86 18.75 -0.61
N ASN A 137 12.68 19.76 -0.37
CA ASN A 137 12.18 21.11 -0.07
C ASN A 137 11.39 21.74 -1.23
N ASP A 138 11.80 21.47 -2.46
CA ASP A 138 11.07 21.93 -3.65
C ASP A 138 9.78 21.17 -3.87
N PHE A 139 9.81 19.85 -3.68
CA PHE A 139 8.61 19.00 -3.80
C PHE A 139 7.53 19.53 -2.86
N ARG A 140 7.87 19.58 -1.57
CA ARG A 140 6.97 20.05 -0.53
C ARG A 140 6.42 21.43 -0.88
N ALA A 141 7.32 22.34 -1.23
CA ALA A 141 6.96 23.70 -1.63
C ALA A 141 6.00 23.73 -2.83
N LYS A 142 6.30 22.93 -3.84
CA LYS A 142 5.50 22.94 -5.08
C LYS A 142 4.16 22.23 -4.90
N MET A 143 4.18 21.07 -4.24
CA MET A 143 2.98 20.22 -4.14
C MET A 143 2.02 20.68 -3.06
N CYS A 144 2.54 21.07 -1.90
CA CYS A 144 1.68 21.63 -0.86
C CYS A 144 0.93 22.88 -1.34
N GLN A 145 1.62 23.73 -2.11
CA GLN A 145 0.99 24.90 -2.75
C GLN A 145 -0.10 24.47 -3.74
N PHE A 146 0.20 23.47 -4.56
CA PHE A 146 -0.74 22.97 -5.57
C PHE A 146 -2.01 22.41 -4.94
N CYS A 147 -1.85 21.65 -3.86
CA CYS A 147 -2.97 21.05 -3.15
C CYS A 147 -3.78 22.08 -2.40
N GLU A 148 -3.09 22.99 -1.71
CA GLU A 148 -3.75 24.11 -1.00
C GLU A 148 -4.65 24.94 -1.94
N GLU A 149 -4.20 25.15 -3.18
CA GLU A 149 -4.98 25.86 -4.20
C GLU A 149 -6.27 25.12 -4.57
N ALA A 150 -6.15 23.84 -4.94
CA ALA A 150 -7.30 23.02 -5.34
C ALA A 150 -8.40 22.97 -4.27
N ALA A 151 -7.97 22.79 -3.01
CA ALA A 151 -8.88 22.74 -1.87
C ALA A 151 -9.58 24.08 -1.62
N ALA A 152 -8.82 25.18 -1.75
CA ALA A 152 -9.39 26.52 -1.72
C ALA A 152 -10.38 26.72 -2.87
N ARG A 153 -9.99 26.25 -4.06
CA ARG A 153 -10.84 26.32 -5.25
C ARG A 153 -12.09 25.45 -5.13
N ARG A 154 -11.97 24.30 -4.46
CA ARG A 154 -13.10 23.41 -4.16
C ARG A 154 -14.12 24.09 -3.26
N GLN A 155 -13.63 24.79 -2.24
CA GLN A 155 -14.51 25.43 -1.24
C GLN A 155 -15.34 26.57 -1.83
N GLN A 156 -14.82 27.20 -2.88
CA GLN A 156 -15.50 28.30 -3.58
C GLN A 156 -16.75 27.83 -4.34
N LEU A 157 -16.61 26.71 -5.03
CA LEU A 157 -17.63 26.22 -5.98
C LEU A 157 -18.89 25.68 -5.30
N GLY A 158 -19.91 25.40 -6.11
CA GLY A 158 -21.25 25.05 -5.62
C GLY A 158 -21.37 23.77 -4.82
N TRP A 159 -22.55 23.57 -4.22
CA TRP A 159 -22.84 22.39 -3.39
C TRP A 159 -22.96 21.10 -4.19
N GLU A 160 -23.46 21.20 -5.42
CA GLU A 160 -23.54 20.04 -6.32
C GLU A 160 -22.15 19.51 -6.65
N ALA A 161 -21.26 20.42 -7.05
CA ALA A 161 -19.84 20.12 -7.27
C ALA A 161 -19.18 19.52 -6.03
N TRP A 162 -19.49 20.08 -4.86
CA TRP A 162 -18.95 19.57 -3.61
C TRP A 162 -19.50 18.22 -3.26
N LEU A 163 -20.78 18.00 -3.51
CA LEU A 163 -21.41 16.69 -3.31
C LEU A 163 -20.72 15.63 -4.20
N GLN A 164 -20.41 16.01 -5.43
CA GLN A 164 -19.70 15.15 -6.37
C GLN A 164 -18.30 14.76 -5.88
N TYR A 165 -17.57 15.72 -5.31
CA TYR A 165 -16.26 15.47 -4.69
C TYR A 165 -16.39 14.55 -3.49
N SER A 166 -17.23 14.95 -2.54
CA SER A 166 -17.31 14.26 -1.25
C SER A 166 -17.94 12.86 -1.35
N PHE A 167 -19.00 12.74 -2.14
CA PHE A 167 -19.78 11.49 -2.24
C PHE A 167 -20.08 11.16 -3.71
N PRO A 168 -19.04 10.76 -4.47
CA PRO A 168 -19.27 10.44 -5.89
C PRO A 168 -20.17 9.23 -6.02
N LEU A 169 -20.90 9.14 -7.12
CA LEU A 169 -21.96 8.15 -7.26
C LEU A 169 -21.38 6.75 -7.34
N GLN A 170 -22.08 5.80 -6.72
CA GLN A 170 -21.75 4.39 -6.77
C GLN A 170 -22.76 3.72 -7.69
N LEU A 171 -22.41 3.65 -8.97
CA LEU A 171 -23.27 3.04 -9.99
C LEU A 171 -22.80 1.62 -10.28
N GLU A 172 -23.70 0.82 -10.85
CA GLU A 172 -23.37 -0.51 -11.38
C GLU A 172 -22.76 -0.32 -12.76
N PRO A 173 -22.00 -1.32 -13.25
CA PRO A 173 -21.65 -1.29 -14.67
C PRO A 173 -22.87 -1.72 -15.48
N SER A 174 -23.48 -0.77 -16.19
CA SER A 174 -24.75 -1.02 -16.90
C SER A 174 -24.68 -0.43 -18.31
N LEU A 185 -33.02 -2.45 -19.09
CA LEU A 185 -33.37 -3.84 -19.37
C LEU A 185 -34.59 -4.38 -18.60
N PRO A 186 -34.71 -4.09 -17.28
CA PRO A 186 -35.81 -4.70 -16.51
C PRO A 186 -37.18 -4.03 -16.70
N ASN A 187 -37.24 -2.71 -16.53
CA ASN A 187 -38.47 -1.90 -16.66
C ASN A 187 -39.61 -2.26 -15.68
N ARG A 188 -39.24 -2.74 -14.49
CA ARG A 188 -40.22 -3.17 -13.46
C ARG A 188 -40.77 -2.00 -12.65
N ALA A 189 -41.75 -2.30 -11.80
CA ALA A 189 -42.31 -1.34 -10.84
C ALA A 189 -42.16 -1.88 -9.42
N LEU A 190 -41.59 -1.07 -8.53
CA LEU A 190 -41.42 -1.44 -7.11
C LEU A 190 -41.42 -0.20 -6.21
N LEU A 191 -42.03 -0.35 -5.02
CA LEU A 191 -42.24 0.77 -4.10
C LEU A 191 -40.98 1.15 -3.32
N VAL A 192 -40.94 2.40 -2.85
CA VAL A 192 -39.77 2.99 -2.18
C VAL A 192 -40.19 3.93 -1.04
N ASN A 193 -39.61 3.73 0.15
CA ASN A 193 -39.82 4.60 1.30
C ASN A 193 -38.96 5.86 1.19
N VAL A 194 -39.58 7.02 1.38
CA VAL A 194 -38.90 8.31 1.37
C VAL A 194 -39.33 9.13 2.59
N LYS A 195 -38.39 9.89 3.16
CA LYS A 195 -38.70 10.84 4.24
C LYS A 195 -37.88 12.13 4.09
N PHE A 196 -38.08 13.07 5.01
CA PHE A 196 -37.32 14.32 5.06
C PHE A 196 -36.47 14.40 6.33
N GLU A 197 -35.50 15.31 6.30
CA GLU A 197 -34.52 15.45 7.37
C GLU A 197 -35.18 16.11 8.59
N GLY A 198 -35.21 15.40 9.72
CA GLY A 198 -35.82 15.88 10.97
C GLY A 198 -37.17 15.24 11.28
N SER A 199 -38.02 15.14 10.27
CA SER A 199 -39.38 14.59 10.43
C SER A 199 -39.35 13.06 10.55
N GLU A 200 -40.06 12.54 11.55
CA GLU A 200 -40.07 11.11 11.87
C GLU A 200 -40.89 10.29 10.88
N GLU A 201 -42.06 10.80 10.50
CA GLU A 201 -42.96 10.11 9.56
C GLU A 201 -42.35 9.98 8.17
N SER A 202 -42.77 8.93 7.45
CA SER A 202 -42.19 8.57 6.15
C SER A 202 -43.27 8.26 5.10
N PHE A 203 -42.96 8.60 3.84
CA PHE A 203 -43.88 8.43 2.71
C PHE A 203 -43.38 7.30 1.81
N THR A 204 -44.17 6.23 1.72
CA THR A 204 -43.92 5.13 0.78
C THR A 204 -44.79 5.33 -0.46
N PHE A 205 -44.17 5.42 -1.63
CA PHE A 205 -44.90 5.55 -2.90
C PHE A 205 -44.23 4.81 -4.06
N GLN A 206 -45.03 4.41 -5.05
CA GLN A 206 -44.57 3.60 -6.18
C GLN A 206 -43.75 4.41 -7.19
N VAL A 207 -42.84 3.71 -7.87
CA VAL A 207 -42.00 4.31 -8.91
C VAL A 207 -41.35 3.20 -9.73
N SER A 208 -41.25 3.40 -11.04
CA SER A 208 -40.66 2.39 -11.93
C SER A 208 -39.15 2.41 -11.86
N THR A 209 -38.52 1.38 -12.42
CA THR A 209 -37.06 1.21 -12.32
C THR A 209 -36.27 2.27 -13.10
N LYS A 210 -36.77 2.67 -14.27
CA LYS A 210 -36.04 3.53 -15.19
C LYS A 210 -36.37 5.04 -15.02
N ASP A 211 -36.49 5.48 -13.76
CA ASP A 211 -36.81 6.87 -13.42
C ASP A 211 -35.54 7.62 -12.98
N VAL A 212 -35.32 8.81 -13.53
CA VAL A 212 -34.24 9.70 -13.09
C VAL A 212 -34.59 10.23 -11.69
N PRO A 213 -33.58 10.40 -10.78
CA PRO A 213 -33.83 10.75 -9.38
C PRO A 213 -34.77 11.95 -9.13
N LEU A 214 -34.68 13.00 -9.96
CA LEU A 214 -35.62 14.15 -9.89
C LEU A 214 -37.08 13.69 -9.81
N ALA A 215 -37.46 12.72 -10.65
CA ALA A 215 -38.81 12.16 -10.68
C ALA A 215 -39.31 11.71 -9.30
N LEU A 216 -38.44 11.06 -8.54
CA LEU A 216 -38.74 10.65 -7.17
C LEU A 216 -38.84 11.85 -6.24
N MET A 217 -37.90 12.80 -6.39
CA MET A 217 -37.86 14.00 -5.54
C MET A 217 -39.09 14.87 -5.74
N ALA A 218 -39.41 15.19 -6.99
CA ALA A 218 -40.59 15.99 -7.33
C ALA A 218 -41.89 15.31 -6.84
N CYS A 219 -41.97 14.00 -7.05
CA CYS A 219 -43.09 13.19 -6.55
C CYS A 219 -43.16 13.19 -5.02
N ALA A 220 -42.00 13.12 -4.37
CA ALA A 220 -41.92 13.20 -2.90
C ALA A 220 -42.32 14.59 -2.36
N LEU A 221 -42.06 15.64 -3.14
CA LEU A 221 -42.48 17.00 -2.80
C LEU A 221 -43.99 17.22 -2.95
N ARG A 222 -44.61 16.56 -3.92
CA ARG A 222 -46.08 16.57 -4.06
C ARG A 222 -46.76 15.90 -2.86
N LYS A 223 -46.14 14.83 -2.33
CA LYS A 223 -46.60 14.17 -1.11
C LYS A 223 -46.47 15.08 0.12
N LYS A 224 -45.43 15.92 0.15
CA LYS A 224 -45.25 16.94 1.19
C LYS A 224 -46.33 18.03 1.10
N ALA A 225 -46.57 18.53 -0.11
CA ALA A 225 -47.56 19.59 -0.34
C ALA A 225 -48.99 19.08 -0.15
N THR A 226 -49.34 18.02 -0.87
CA THR A 226 -50.65 17.38 -0.76
C THR A 226 -50.64 16.37 0.38
N LEU A 232 -45.23 24.52 -3.96
CA LEU A 232 -45.73 25.55 -3.06
C LEU A 232 -44.61 26.11 -2.21
N VAL A 233 -43.91 25.23 -1.48
CA VAL A 233 -42.92 25.63 -0.48
C VAL A 233 -41.49 25.63 -1.03
N GLU A 234 -41.09 24.53 -1.65
CA GLU A 234 -39.72 24.32 -2.17
C GLU A 234 -39.72 23.84 -3.63
N GLN A 235 -38.53 23.75 -4.22
CA GLN A 235 -38.32 23.25 -5.59
C GLN A 235 -37.39 22.03 -5.58
N PRO A 236 -37.56 21.09 -6.55
CA PRO A 236 -36.83 19.81 -6.53
C PRO A 236 -35.32 19.87 -6.80
N GLU A 237 -34.85 20.92 -7.47
CA GLU A 237 -33.42 21.06 -7.82
C GLU A 237 -32.58 21.74 -6.72
N ASP A 238 -33.13 21.88 -5.51
CA ASP A 238 -32.36 22.26 -4.32
C ASP A 238 -32.40 21.11 -3.32
N TYR A 239 -32.30 19.89 -3.85
CA TYR A 239 -32.43 18.68 -3.06
C TYR A 239 -31.65 17.50 -3.65
N THR A 240 -31.42 16.50 -2.80
CA THR A 240 -30.85 15.23 -3.22
C THR A 240 -31.31 14.15 -2.25
N LEU A 241 -31.43 12.92 -2.74
CA LEU A 241 -31.83 11.78 -1.91
C LEU A 241 -30.58 11.14 -1.28
N GLN A 242 -30.56 11.06 0.05
CA GLN A 242 -29.54 10.32 0.79
C GLN A 242 -30.08 8.93 1.08
N VAL A 243 -29.28 7.90 0.81
CA VAL A 243 -29.58 6.55 1.27
C VAL A 243 -29.30 6.54 2.77
N ASN A 244 -30.34 6.79 3.57
CA ASN A 244 -30.15 6.93 5.03
C ASN A 244 -29.60 5.66 5.69
N GLY A 245 -28.78 5.87 6.72
CA GLY A 245 -27.90 4.82 7.25
C GLY A 245 -26.46 5.04 6.85
N ARG A 246 -26.25 5.50 5.61
CA ARG A 246 -24.93 5.63 5.01
C ARG A 246 -24.78 6.95 4.22
N HIS A 247 -23.54 7.28 3.86
CA HIS A 247 -23.22 8.49 3.08
C HIS A 247 -23.19 8.16 1.61
N GLU A 248 -24.34 7.73 1.07
CA GLU A 248 -24.47 7.42 -0.36
C GLU A 248 -25.63 8.23 -0.93
N TYR A 249 -25.31 9.18 -1.80
CA TYR A 249 -26.30 10.13 -2.31
C TYR A 249 -26.69 9.79 -3.75
N LEU A 250 -27.93 10.14 -4.11
CA LEU A 250 -28.55 9.76 -5.38
C LEU A 250 -28.91 11.02 -6.18
N TYR A 251 -28.21 11.21 -7.30
CA TYR A 251 -28.34 12.41 -8.12
C TYR A 251 -27.77 12.17 -9.51
N GLY A 252 -27.86 13.17 -10.39
CA GLY A 252 -27.34 13.08 -11.74
C GLY A 252 -28.37 12.51 -12.70
N SER A 253 -28.00 12.44 -13.98
CA SER A 253 -28.92 12.03 -15.05
C SER A 253 -29.24 10.53 -15.12
N TYR A 254 -28.49 9.71 -14.39
CA TYR A 254 -28.64 8.25 -14.43
C TYR A 254 -29.96 7.79 -13.81
N PRO A 255 -30.56 6.69 -14.32
CA PRO A 255 -31.83 6.21 -13.78
C PRO A 255 -31.67 5.51 -12.43
N LEU A 256 -32.78 5.30 -11.73
CA LEU A 256 -32.76 4.65 -10.41
C LEU A 256 -32.19 3.22 -10.41
N CYS A 257 -32.33 2.49 -11.52
CA CYS A 257 -31.89 1.08 -11.59
C CYS A 257 -30.36 0.87 -11.63
N GLN A 258 -29.61 1.89 -12.07
CA GLN A 258 -28.14 1.80 -12.16
C GLN A 258 -27.39 2.09 -10.85
N PHE A 259 -28.08 2.62 -9.83
CA PHE A 259 -27.46 2.86 -8.52
C PHE A 259 -27.33 1.54 -7.75
N GLN A 260 -26.18 1.33 -7.11
CA GLN A 260 -25.90 0.09 -6.39
C GLN A 260 -26.95 -0.23 -5.31
N TYR A 261 -27.37 0.81 -4.58
CA TYR A 261 -28.34 0.65 -3.48
C TYR A 261 -29.68 0.11 -3.99
N ILE A 262 -30.24 0.78 -4.99
CA ILE A 262 -31.53 0.39 -5.58
C ILE A 262 -31.41 -0.95 -6.29
N CYS A 263 -30.32 -1.13 -7.05
CA CYS A 263 -30.01 -2.41 -7.69
C CYS A 263 -29.90 -3.54 -6.67
N SER A 264 -29.26 -3.26 -5.54
CA SER A 264 -29.16 -4.19 -4.42
C SER A 264 -30.53 -4.46 -3.78
N CYS A 265 -31.35 -3.41 -3.66
CA CYS A 265 -32.72 -3.51 -3.13
C CYS A 265 -33.66 -4.30 -4.06
N LEU A 266 -33.53 -4.09 -5.36
CA LEU A 266 -34.34 -4.81 -6.37
C LEU A 266 -34.03 -6.30 -6.41
N HIS A 267 -32.74 -6.65 -6.34
CA HIS A 267 -32.29 -8.06 -6.41
C HIS A 267 -32.68 -8.83 -5.18
N SER A 268 -32.49 -8.23 -4.00
CA SER A 268 -32.92 -8.82 -2.73
C SER A 268 -34.44 -8.89 -2.59
N GLY A 269 -35.12 -7.83 -3.06
CA GLY A 269 -36.57 -7.69 -2.90
C GLY A 269 -36.97 -6.65 -1.87
N LEU A 270 -36.05 -6.30 -0.96
CA LEU A 270 -36.31 -5.33 0.12
C LEU A 270 -36.60 -3.93 -0.42
N THR A 271 -37.36 -3.15 0.33
CA THR A 271 -37.76 -1.80 -0.06
C THR A 271 -36.61 -0.81 0.19
N PRO A 272 -36.36 0.13 -0.75
CA PRO A 272 -35.40 1.20 -0.47
C PRO A 272 -35.88 2.20 0.60
N HIS A 273 -34.93 2.84 1.26
CA HIS A 273 -35.19 3.82 2.32
C HIS A 273 -34.30 5.02 2.12
N LEU A 274 -34.91 6.14 1.71
CA LEU A 274 -34.18 7.36 1.39
C LEU A 274 -34.64 8.54 2.25
N THR A 275 -33.82 9.58 2.25
CA THR A 275 -34.10 10.84 2.96
C THR A 275 -33.81 12.01 2.03
N MET A 276 -34.78 12.90 1.87
CA MET A 276 -34.59 14.15 1.12
C MET A 276 -33.83 15.15 1.99
N VAL A 277 -32.80 15.78 1.41
CA VAL A 277 -31.92 16.72 2.14
C VAL A 277 -31.71 17.99 1.32
N HIS A 278 -31.79 19.15 1.98
CA HIS A 278 -31.72 20.45 1.31
C HIS A 278 -30.31 20.80 0.89
N SER A 279 -30.19 21.65 -0.13
CA SER A 279 -28.89 22.20 -0.56
C SER A 279 -28.11 22.87 0.57
N SER A 280 -28.81 23.70 1.34
CA SER A 280 -28.28 24.35 2.54
C SER A 280 -27.65 23.37 3.54
N SER A 281 -28.33 22.25 3.79
CA SER A 281 -27.84 21.21 4.69
C SER A 281 -26.54 20.55 4.20
N ILE A 282 -26.32 20.56 2.88
CA ILE A 282 -25.10 20.05 2.27
C ILE A 282 -23.97 21.08 2.36
N LEU A 283 -24.31 22.36 2.21
CA LEU A 283 -23.38 23.46 2.48
C LEU A 283 -22.95 23.49 3.97
N ALA A 284 -23.83 23.01 4.86
CA ALA A 284 -23.49 22.80 6.27
C ALA A 284 -22.34 21.81 6.48
N MET A 285 -22.25 20.78 5.63
CA MET A 285 -21.12 19.84 5.63
C MET A 285 -19.86 20.44 5.02
N ARG A 286 -20.04 21.16 3.91
CA ARG A 286 -18.92 21.82 3.20
C ARG A 286 -18.23 22.87 4.08
N ASP A 287 -19.04 23.71 4.74
CA ASP A 287 -18.53 24.76 5.62
C ASP A 287 -18.57 24.34 7.10
N GLU A 288 -17.91 23.24 7.40
CA GLU A 288 -17.61 22.85 8.79
C GLU A 288 -16.32 23.53 9.21
N GLN A 289 -15.28 23.35 8.39
CA GLN A 289 -14.01 24.08 8.54
C GLN A 289 -13.46 24.50 7.17
N SER A 290 -12.66 25.56 7.19
CA SER A 290 -12.06 26.15 5.98
C SER A 290 -10.62 25.66 5.83
N ASN A 291 -10.16 25.58 4.58
CA ASN A 291 -8.77 25.27 4.27
C ASN A 291 -7.90 26.51 4.54
N PRO A 292 -6.59 26.33 4.87
CA PRO A 292 -5.72 27.51 5.00
C PRO A 292 -5.49 28.30 3.70
N ALA A 293 -5.10 29.57 3.85
CA ALA A 293 -4.82 30.46 2.72
C ALA A 293 -3.46 30.10 2.06
N PRO A 294 -3.17 30.67 0.87
CA PRO A 294 -1.92 30.42 0.13
C PRO A 294 -0.63 30.44 0.97
N LEU A 316 25.76 19.43 -21.99
CA LEU A 316 26.08 19.70 -23.39
C LEU A 316 26.66 18.46 -24.09
N TRP A 317 26.47 18.41 -25.41
CA TRP A 317 27.11 17.39 -26.26
C TRP A 317 28.40 17.93 -26.82
N SER A 318 29.29 18.32 -25.91
CA SER A 318 30.63 18.83 -26.25
C SER A 318 31.67 18.26 -25.26
N LEU A 319 31.41 17.04 -24.79
CA LEU A 319 32.16 16.43 -23.70
C LEU A 319 32.44 14.95 -24.06
N GLU A 320 33.20 14.76 -25.12
CA GLU A 320 33.37 13.44 -25.73
C GLU A 320 34.29 12.46 -24.98
N GLN A 321 34.94 12.90 -23.89
CA GLN A 321 35.80 12.00 -23.11
C GLN A 321 34.97 11.00 -22.29
N PRO A 322 35.45 9.74 -22.13
CA PRO A 322 34.70 8.67 -21.44
C PRO A 322 34.19 9.01 -20.03
N PHE A 323 33.08 8.38 -19.65
CA PHE A 323 32.54 8.50 -18.30
C PHE A 323 33.42 7.70 -17.34
N ARG A 324 33.68 8.29 -16.18
CA ARG A 324 34.49 7.66 -15.15
C ARG A 324 34.18 8.19 -13.75
N ILE A 325 34.53 7.39 -12.75
CA ILE A 325 34.22 7.66 -11.35
C ILE A 325 35.39 7.25 -10.45
N GLU A 326 35.52 7.96 -9.32
CA GLU A 326 36.51 7.66 -8.30
C GLU A 326 35.82 6.91 -7.16
N LEU A 327 36.24 5.66 -6.93
CA LEU A 327 35.79 4.86 -5.78
C LEU A 327 36.78 5.09 -4.65
N ILE A 328 36.34 5.75 -3.58
CA ILE A 328 37.24 6.16 -2.50
C ILE A 328 37.34 5.11 -1.38
N GLN A 329 36.25 4.92 -0.64
CA GLN A 329 36.29 4.16 0.60
C GLN A 329 34.94 3.51 0.93
N GLY A 330 34.98 2.32 1.52
CA GLY A 330 33.82 1.73 2.18
C GLY A 330 33.67 2.26 3.60
N SER A 331 32.55 1.94 4.24
CA SER A 331 32.33 2.27 5.65
C SER A 331 31.33 1.31 6.28
N LYS A 332 31.62 0.87 7.50
CA LYS A 332 30.73 0.04 8.31
C LYS A 332 30.34 -1.28 7.62
N VAL A 333 31.33 -1.94 7.03
CA VAL A 333 31.12 -3.20 6.32
C VAL A 333 31.25 -4.37 7.30
N ASN A 334 30.27 -5.27 7.29
CA ASN A 334 30.29 -6.48 8.11
C ASN A 334 30.49 -7.72 7.23
N ALA A 335 31.65 -8.36 7.33
CA ALA A 335 31.98 -9.51 6.49
C ALA A 335 33.05 -10.42 7.11
N ASP A 336 33.29 -11.55 6.45
CA ASP A 336 34.23 -12.56 6.96
C ASP A 336 35.67 -12.14 6.61
N GLU A 337 36.57 -12.25 7.59
CA GLU A 337 37.94 -11.73 7.46
C GLU A 337 38.82 -12.50 6.46
N ARG A 338 38.58 -13.81 6.33
CA ARG A 338 39.33 -14.65 5.38
C ARG A 338 39.10 -14.23 3.92
N MET A 339 37.85 -13.90 3.58
CA MET A 339 37.51 -13.36 2.25
C MET A 339 38.11 -11.97 2.05
N LYS A 340 38.01 -11.48 0.81
CA LYS A 340 38.45 -10.13 0.43
C LYS A 340 37.36 -9.44 -0.38
N LEU A 341 37.19 -8.13 -0.19
CA LEU A 341 36.04 -7.39 -0.74
C LEU A 341 36.29 -6.84 -2.15
N VAL A 342 35.28 -6.98 -3.01
CA VAL A 342 35.26 -6.40 -4.35
C VAL A 342 34.00 -5.54 -4.50
N VAL A 343 34.07 -4.52 -5.36
CA VAL A 343 32.92 -3.67 -5.68
C VAL A 343 32.73 -3.66 -7.19
N GLN A 344 31.63 -4.23 -7.66
CA GLN A 344 31.26 -4.25 -9.07
C GLN A 344 30.29 -3.12 -9.38
N ALA A 345 30.58 -2.37 -10.44
CA ALA A 345 29.77 -1.22 -10.86
C ALA A 345 29.33 -1.36 -12.31
N GLY A 346 28.19 -0.77 -12.65
CA GLY A 346 27.66 -0.80 -14.01
C GLY A 346 26.62 0.29 -14.24
N LEU A 347 26.63 0.87 -15.44
CA LEU A 347 25.65 1.89 -15.82
C LEU A 347 24.42 1.21 -16.43
N PHE A 348 23.24 1.70 -16.05
CA PHE A 348 21.97 1.15 -16.55
C PHE A 348 20.98 2.22 -16.97
N HIS A 349 20.05 1.81 -17.84
CA HIS A 349 18.90 2.62 -18.21
C HIS A 349 17.74 1.69 -18.34
N GLY A 350 16.79 1.78 -17.41
CA GLY A 350 15.76 0.77 -17.26
C GLY A 350 16.41 -0.51 -16.75
N ASN A 351 16.04 -1.64 -17.32
CA ASN A 351 16.64 -2.92 -16.97
C ASN A 351 17.92 -3.23 -17.76
N GLU A 352 18.06 -2.64 -18.96
CA GLU A 352 19.19 -2.94 -19.84
C GLU A 352 20.48 -2.21 -19.42
N MET A 353 21.62 -2.87 -19.62
CA MET A 353 22.94 -2.27 -19.43
C MET A 353 23.24 -1.25 -20.53
N LEU A 354 23.95 -0.19 -20.17
CA LEU A 354 24.44 0.79 -21.14
C LEU A 354 25.83 0.40 -21.66
N CYS A 355 26.67 -0.15 -20.79
CA CYS A 355 28.03 -0.60 -21.15
C CYS A 355 28.48 -1.80 -20.30
N LYS A 356 29.71 -2.26 -20.50
CA LYS A 356 30.28 -3.37 -19.74
C LYS A 356 30.51 -2.99 -18.27
N THR A 357 30.29 -3.95 -17.35
CA THR A 357 30.39 -3.69 -15.91
C THR A 357 31.80 -3.92 -15.37
N VAL A 358 32.61 -2.86 -15.39
CA VAL A 358 33.96 -2.87 -14.81
C VAL A 358 33.91 -2.95 -13.28
N SER A 359 34.97 -3.52 -12.69
CA SER A 359 35.02 -3.82 -11.26
C SER A 359 36.32 -3.31 -10.58
N SER A 360 36.42 -3.51 -9.26
CA SER A 360 37.58 -3.08 -8.48
C SER A 360 38.61 -4.21 -8.33
N SER A 361 39.69 -3.91 -7.61
CA SER A 361 40.63 -4.93 -7.15
C SER A 361 40.18 -5.45 -5.79
N GLU A 362 40.71 -6.61 -5.41
CA GLU A 362 40.42 -7.22 -4.11
C GLU A 362 41.22 -6.53 -3.01
N VAL A 363 40.53 -5.74 -2.19
CA VAL A 363 41.09 -5.19 -0.95
C VAL A 363 40.69 -6.13 0.19
N SER A 364 41.49 -6.17 1.24
CA SER A 364 41.22 -7.05 2.40
C SER A 364 39.93 -6.65 3.13
N VAL A 365 39.25 -7.64 3.72
CA VAL A 365 38.02 -7.40 4.48
C VAL A 365 38.32 -6.65 5.78
N CYS A 366 37.50 -5.62 6.04
CA CYS A 366 37.50 -4.90 7.31
C CYS A 366 36.22 -4.06 7.38
N SER A 367 36.05 -3.31 8.46
CA SER A 367 34.97 -2.33 8.59
C SER A 367 35.07 -1.20 7.56
N GLU A 368 36.28 -0.69 7.36
CA GLU A 368 36.53 0.52 6.58
C GLU A 368 37.50 0.25 5.43
N PRO A 369 37.09 -0.59 4.45
CA PRO A 369 37.97 -0.90 3.32
C PRO A 369 38.18 0.33 2.41
N VAL A 370 39.40 0.46 1.89
CA VAL A 370 39.83 1.64 1.14
C VAL A 370 40.39 1.23 -0.21
N TRP A 371 39.78 1.74 -1.28
CA TRP A 371 40.16 1.38 -2.66
C TRP A 371 40.96 2.46 -3.33
N LYS A 372 40.42 3.68 -3.36
CA LYS A 372 41.01 4.81 -4.10
C LYS A 372 41.36 4.44 -5.56
N GLN A 373 40.36 3.93 -6.28
CA GLN A 373 40.49 3.50 -7.68
C GLN A 373 39.66 4.36 -8.60
N ARG A 374 40.22 4.70 -9.77
CA ARG A 374 39.45 5.29 -10.85
C ARG A 374 38.83 4.14 -11.65
N LEU A 375 37.51 4.18 -11.83
CA LEU A 375 36.78 3.22 -12.66
C LEU A 375 36.32 3.91 -13.93
N GLU A 376 36.84 3.46 -15.08
CA GLU A 376 36.48 4.01 -16.39
C GLU A 376 35.55 3.05 -17.13
N PHE A 377 34.44 3.59 -17.62
CA PHE A 377 33.42 2.80 -18.32
C PHE A 377 33.51 3.05 -19.82
N ASP A 378 33.04 2.07 -20.60
CA ASP A 378 33.08 2.11 -22.06
C ASP A 378 31.86 2.88 -22.61
N ILE A 379 31.79 4.16 -22.25
CA ILE A 379 30.72 5.06 -22.70
C ILE A 379 31.10 6.52 -22.36
N ASN A 380 30.84 7.43 -23.30
CA ASN A 380 31.17 8.84 -23.13
C ASN A 380 30.15 9.58 -22.27
N ILE A 381 30.53 10.78 -21.84
CA ILE A 381 29.66 11.64 -21.03
C ILE A 381 28.47 12.14 -21.87
N CYS A 382 28.76 12.50 -23.12
CA CYS A 382 27.74 12.98 -24.06
C CYS A 382 26.68 11.93 -24.45
N ASP A 383 27.04 10.65 -24.37
CA ASP A 383 26.11 9.56 -24.71
C ASP A 383 25.05 9.25 -23.65
N LEU A 384 25.35 9.56 -22.38
CA LEU A 384 24.46 9.22 -21.25
C LEU A 384 23.03 9.71 -21.48
N PRO A 385 22.02 8.84 -21.27
CA PRO A 385 20.63 9.27 -21.36
C PRO A 385 20.18 9.98 -20.08
N ARG A 386 19.03 10.63 -20.12
CA ARG A 386 18.55 11.46 -19.00
C ARG A 386 18.42 10.69 -17.69
N MET A 387 17.98 9.43 -17.77
CA MET A 387 17.77 8.59 -16.59
C MET A 387 18.91 7.59 -16.38
N ALA A 388 20.14 7.97 -16.74
CA ALA A 388 21.30 7.10 -16.57
C ALA A 388 21.46 6.76 -15.11
N ARG A 389 21.83 5.52 -14.84
CA ARG A 389 21.74 4.94 -13.51
C ARG A 389 23.00 4.15 -13.19
N LEU A 390 23.89 4.75 -12.42
CA LEU A 390 25.10 4.07 -11.92
C LEU A 390 24.70 3.17 -10.76
N CYS A 391 25.13 1.91 -10.83
CA CYS A 391 24.67 0.88 -9.89
C CYS A 391 25.84 0.10 -9.30
N PHE A 392 25.90 0.05 -7.97
CA PHE A 392 27.00 -0.60 -7.23
C PHE A 392 26.52 -1.88 -6.54
N ALA A 393 27.47 -2.81 -6.33
CA ALA A 393 27.26 -3.97 -5.45
C ALA A 393 28.57 -4.40 -4.80
N LEU A 394 28.67 -4.24 -3.47
CA LEU A 394 29.86 -4.67 -2.72
C LEU A 394 29.77 -6.18 -2.47
N TYR A 395 30.75 -6.92 -2.99
CA TYR A 395 30.84 -8.38 -2.87
C TYR A 395 32.00 -8.78 -1.96
N ALA A 396 31.85 -9.92 -1.27
CA ALA A 396 32.93 -10.54 -0.48
C ALA A 396 33.33 -11.83 -1.19
N VAL A 397 34.62 -11.94 -1.51
CA VAL A 397 35.14 -12.98 -2.42
C VAL A 397 36.30 -13.78 -1.80
N ILE A 398 36.38 -15.07 -2.12
CA ILE A 398 37.58 -15.87 -1.83
C ILE A 398 38.64 -15.49 -2.86
N GLU A 399 39.88 -15.28 -2.39
CA GLU A 399 40.94 -14.68 -3.21
C GLU A 399 41.41 -15.56 -4.37
N LYS A 400 41.72 -16.83 -4.06
CA LYS A 400 42.27 -17.81 -5.02
C LYS A 400 43.65 -17.38 -5.52
N ASP A 415 30.25 -16.59 -4.41
CA ASP A 415 30.42 -15.14 -4.34
C ASP A 415 29.29 -14.51 -3.53
N CYS A 416 29.66 -13.90 -2.40
CA CYS A 416 28.70 -13.36 -1.43
C CYS A 416 28.34 -11.90 -1.75
N PRO A 417 27.07 -11.64 -2.16
CA PRO A 417 26.66 -10.24 -2.28
C PRO A 417 26.31 -9.66 -0.91
N ILE A 418 27.07 -8.66 -0.47
CA ILE A 418 26.84 -8.01 0.82
C ILE A 418 25.70 -7.01 0.70
N ALA A 419 25.89 -6.02 -0.18
CA ALA A 419 24.98 -4.89 -0.29
C ALA A 419 25.03 -4.27 -1.68
N TRP A 420 24.16 -3.29 -1.92
CA TRP A 420 24.07 -2.61 -3.20
C TRP A 420 23.53 -1.20 -3.06
N ALA A 421 23.73 -0.39 -4.10
CA ALA A 421 23.25 0.99 -4.11
C ALA A 421 23.26 1.55 -5.53
N ASN A 422 22.25 2.34 -5.86
CA ASN A 422 22.11 2.95 -7.18
C ASN A 422 22.09 4.46 -7.08
N LEU A 423 22.57 5.13 -8.12
CA LEU A 423 22.64 6.59 -8.14
C LEU A 423 22.30 7.10 -9.54
N MET A 424 21.45 8.11 -9.61
CA MET A 424 21.10 8.77 -10.86
C MET A 424 22.21 9.75 -11.17
N LEU A 425 22.80 9.64 -12.36
CA LEU A 425 23.93 10.51 -12.76
C LEU A 425 23.54 11.97 -12.94
N PHE A 426 22.33 12.21 -13.45
CA PHE A 426 21.75 13.55 -13.49
C PHE A 426 20.82 13.72 -12.29
N ASP A 427 20.72 14.94 -11.77
CA ASP A 427 19.88 15.23 -10.60
C ASP A 427 18.46 15.64 -11.01
N TYR A 428 17.64 16.05 -10.04
CA TYR A 428 16.24 16.41 -10.30
C TYR A 428 16.04 17.72 -11.09
N LYS A 429 17.06 18.58 -11.09
CA LYS A 429 17.08 19.84 -11.86
C LYS A 429 17.75 19.68 -13.25
N ASP A 430 17.90 18.44 -13.71
CA ASP A 430 18.51 18.11 -15.02
C ASP A 430 20.04 18.37 -15.11
N GLN A 431 20.70 18.59 -13.97
CA GLN A 431 22.14 18.87 -13.94
C GLN A 431 22.91 17.58 -13.73
N LEU A 432 24.04 17.45 -14.43
CA LEU A 432 24.94 16.31 -14.25
C LEU A 432 25.65 16.43 -12.90
N LYS A 433 25.47 15.43 -12.04
CA LYS A 433 26.02 15.46 -10.68
C LYS A 433 27.54 15.32 -10.68
N THR A 434 28.22 16.23 -9.97
CA THR A 434 29.67 16.16 -9.74
C THR A 434 29.97 16.21 -8.25
N GLY A 435 31.22 15.90 -7.89
CA GLY A 435 31.67 15.93 -6.49
C GLY A 435 31.38 14.65 -5.71
N GLU A 436 31.78 14.66 -4.44
CA GLU A 436 31.67 13.49 -3.56
C GLU A 436 30.22 13.14 -3.21
N ARG A 437 29.95 11.84 -3.12
CA ARG A 437 28.64 11.32 -2.68
C ARG A 437 28.89 10.14 -1.73
N CYS A 438 28.24 10.17 -0.58
CA CYS A 438 28.29 9.06 0.37
C CYS A 438 27.02 8.24 0.22
N LEU A 439 27.09 7.20 -0.62
CA LEU A 439 25.96 6.31 -0.87
C LEU A 439 25.85 5.33 0.28
N TYR A 440 24.75 5.41 1.03
CA TYR A 440 24.45 4.43 2.08
C TYR A 440 23.70 3.27 1.41
N MET A 441 24.23 2.04 1.57
CA MET A 441 23.80 0.88 0.77
C MET A 441 22.70 0.06 1.41
N TRP A 442 22.03 -0.71 0.56
CA TRP A 442 20.94 -1.61 0.94
C TRP A 442 21.47 -3.02 0.94
N PRO A 443 21.05 -3.86 1.92
CA PRO A 443 21.58 -5.22 1.93
C PRO A 443 21.03 -6.07 0.78
N SER A 444 21.88 -6.92 0.22
CA SER A 444 21.48 -7.79 -0.87
C SER A 444 20.78 -8.98 -0.24
N VAL A 445 19.63 -9.35 -0.80
CA VAL A 445 18.91 -10.55 -0.37
C VAL A 445 18.98 -11.56 -1.53
N PRO A 446 19.44 -12.80 -1.27
CA PRO A 446 19.64 -13.75 -2.35
C PRO A 446 18.32 -14.28 -2.91
N ASP A 447 18.28 -14.48 -4.24
CA ASP A 447 17.10 -14.97 -4.95
C ASP A 447 17.52 -15.84 -6.13
N GLU A 448 16.54 -16.49 -6.77
CA GLU A 448 16.78 -17.48 -7.85
C GLU A 448 17.71 -16.97 -8.95
N LYS A 449 17.42 -15.77 -9.46
CA LYS A 449 18.23 -15.15 -10.50
C LYS A 449 19.20 -14.16 -9.85
N GLY A 450 20.32 -14.68 -9.36
CA GLY A 450 21.31 -13.88 -8.63
C GLY A 450 22.17 -13.01 -9.53
N GLU A 451 21.64 -11.85 -9.90
CA GLU A 451 22.35 -10.91 -10.77
C GLU A 451 23.52 -10.27 -10.04
N LEU A 452 24.47 -9.75 -10.82
CA LEU A 452 25.61 -9.03 -10.28
C LEU A 452 25.13 -7.76 -9.55
N LEU A 453 24.32 -6.99 -10.25
CA LEU A 453 23.81 -5.72 -9.77
C LEU A 453 22.28 -5.75 -9.73
N ASN A 454 21.70 -4.70 -9.17
CA ASN A 454 20.26 -4.61 -8.95
C ASN A 454 19.73 -3.25 -9.45
N PRO A 455 19.69 -3.06 -10.78
CA PRO A 455 19.31 -1.76 -11.36
C PRO A 455 17.84 -1.38 -11.16
N THR A 456 16.96 -2.36 -10.96
CA THR A 456 15.54 -2.10 -10.66
C THR A 456 15.31 -1.59 -9.24
N GLY A 457 16.31 -1.74 -8.36
CA GLY A 457 16.22 -1.26 -6.99
C GLY A 457 16.13 0.26 -6.88
N THR A 458 15.66 0.73 -5.73
CA THR A 458 15.44 2.16 -5.48
C THR A 458 16.71 3.02 -5.60
N VAL A 459 16.52 4.34 -5.64
CA VAL A 459 17.59 5.32 -5.83
C VAL A 459 17.87 6.14 -4.56
N ARG A 460 16.85 6.38 -3.74
CA ARG A 460 17.03 7.05 -2.44
C ARG A 460 17.88 6.16 -1.52
N SER A 461 18.76 6.78 -0.74
CA SER A 461 19.65 6.04 0.15
C SER A 461 18.93 5.40 1.34
N ASN A 462 19.60 4.42 1.95
CA ASN A 462 19.12 3.76 3.16
C ASN A 462 18.87 4.83 4.22
N PRO A 463 17.67 4.85 4.83
CA PRO A 463 17.43 5.78 5.95
C PRO A 463 18.29 5.54 7.19
N ASN A 464 18.71 4.31 7.44
CA ASN A 464 19.54 3.98 8.60
C ASN A 464 21.01 4.43 8.43
N THR A 465 21.26 5.74 8.42
CA THR A 465 22.63 6.26 8.32
C THR A 465 23.45 6.00 9.58
N ASP A 466 22.77 5.77 10.71
CA ASP A 466 23.41 5.42 11.98
C ASP A 466 24.28 4.17 11.84
N SER A 467 23.67 3.05 11.43
CA SER A 467 24.30 1.73 11.48
C SER A 467 24.63 1.06 10.13
N ALA A 468 24.06 1.55 9.02
CA ALA A 468 24.22 0.91 7.71
C ALA A 468 25.61 1.05 7.09
N ALA A 469 25.85 0.26 6.04
CA ALA A 469 27.08 0.31 5.26
C ALA A 469 27.07 1.52 4.33
N ALA A 470 28.20 1.77 3.67
CA ALA A 470 28.28 2.88 2.72
C ALA A 470 29.55 2.83 1.86
N LEU A 471 29.38 2.99 0.55
CA LEU A 471 30.48 3.24 -0.38
C LEU A 471 30.61 4.75 -0.57
N LEU A 472 31.80 5.28 -0.29
CA LEU A 472 32.15 6.67 -0.56
C LEU A 472 32.77 6.74 -1.95
N ILE A 473 32.14 7.52 -2.84
CA ILE A 473 32.63 7.73 -4.21
C ILE A 473 32.61 9.21 -4.55
N CYS A 474 33.17 9.55 -5.71
CA CYS A 474 33.36 10.94 -6.12
C CYS A 474 33.30 11.08 -7.64
N LEU A 475 32.19 11.64 -8.13
CA LEU A 475 32.02 11.91 -9.57
C LEU A 475 32.90 13.11 -9.92
N PRO A 476 33.79 12.97 -10.93
CA PRO A 476 34.75 14.02 -11.21
C PRO A 476 34.15 15.25 -11.91
N GLU A 477 34.84 16.38 -11.79
CA GLU A 477 34.43 17.61 -12.49
C GLU A 477 34.79 17.48 -13.97
N VAL A 478 33.75 17.48 -14.81
CA VAL A 478 33.90 17.28 -16.25
C VAL A 478 34.22 18.59 -16.99
N ALA A 479 33.64 19.70 -16.53
CA ALA A 479 33.85 21.04 -17.12
C ALA A 479 33.87 22.11 -16.02
N PRO A 480 34.39 23.33 -16.34
CA PRO A 480 34.47 24.39 -15.31
C PRO A 480 33.11 24.90 -14.81
N HIS A 481 32.24 25.27 -15.75
CA HIS A 481 30.85 25.63 -15.45
C HIS A 481 30.03 24.36 -15.45
N PRO A 482 28.90 24.34 -14.71
CA PRO A 482 28.08 23.11 -14.72
C PRO A 482 27.43 22.82 -16.08
N VAL A 483 27.06 21.55 -16.30
CA VAL A 483 26.42 21.10 -17.54
C VAL A 483 25.11 20.41 -17.23
N TYR A 484 24.11 20.66 -18.08
CA TYR A 484 22.79 20.04 -17.94
C TYR A 484 22.57 19.07 -19.10
N TYR A 485 21.52 18.25 -18.98
CA TYR A 485 20.97 17.53 -20.11
C TYR A 485 20.22 18.57 -20.95
N PRO A 486 20.33 18.52 -22.29
CA PRO A 486 19.65 19.54 -23.11
C PRO A 486 18.13 19.60 -22.95
N ALA A 487 17.56 20.78 -23.23
CA ALA A 487 16.11 20.98 -23.17
C ALA A 487 15.42 20.30 -24.33
N LEU A 488 14.08 20.24 -24.27
CA LEU A 488 13.26 19.61 -25.32
C LEU A 488 13.42 20.26 -26.72
N GLU A 489 13.76 21.55 -26.75
CA GLU A 489 13.98 22.26 -28.01
C GLU A 489 15.23 21.76 -28.75
N LYS A 490 16.32 21.57 -28.00
CA LYS A 490 17.57 21.02 -28.56
C LYS A 490 17.48 19.53 -28.91
N ILE A 491 16.60 18.79 -28.22
CA ILE A 491 16.34 17.37 -28.53
C ILE A 491 15.62 17.24 -29.88
N LEU A 492 14.59 18.07 -30.07
CA LEU A 492 13.85 18.11 -31.33
C LEU A 492 14.68 18.71 -32.48
N GLU A 493 15.68 19.53 -32.16
CA GLU A 493 16.63 20.03 -33.15
C GLU A 493 17.43 18.86 -33.74
N LEU A 494 18.08 18.09 -32.87
CA LEU A 494 18.88 16.93 -33.27
C LEU A 494 18.00 15.76 -33.74
N GLY A 495 16.82 15.61 -33.15
CA GLY A 495 15.93 14.49 -33.43
C GLY A 495 15.24 14.55 -34.78
N ARG A 496 14.78 15.74 -35.17
CA ARG A 496 14.09 15.97 -36.45
C ARG A 496 14.96 15.60 -37.63
N HIS A 497 16.22 16.04 -37.61
CA HIS A 497 17.17 15.82 -38.70
C HIS A 497 17.63 14.39 -38.73
N SER A 498 18.23 14.00 -39.86
CA SER A 498 18.56 12.60 -40.16
C SER A 498 17.30 11.72 -40.18
N GLU A 499 16.39 12.08 -41.09
CA GLU A 499 15.24 11.24 -41.44
C GLU A 499 15.43 10.82 -42.92
N CYS A 500 15.43 9.51 -43.17
CA CYS A 500 15.85 8.96 -44.47
C CYS A 500 15.34 7.52 -44.72
N VAL A 501 15.58 7.04 -45.94
CA VAL A 501 15.31 5.66 -46.36
C VAL A 501 13.80 5.33 -46.39
N HIS A 502 13.08 6.08 -47.22
CA HIS A 502 11.66 5.81 -47.52
C HIS A 502 11.55 4.91 -48.72
N VAL A 503 10.34 4.40 -48.96
CA VAL A 503 10.03 3.49 -50.08
C VAL A 503 10.80 2.17 -49.95
N THR A 504 10.27 1.27 -49.13
CA THR A 504 10.83 -0.08 -48.90
C THR A 504 9.70 -1.10 -48.71
N GLU A 505 9.39 -1.84 -49.78
CA GLU A 505 8.23 -2.75 -49.81
C GLU A 505 8.48 -4.10 -49.13
N GLU A 506 9.68 -4.66 -49.33
CA GLU A 506 10.09 -5.95 -48.74
C GLU A 506 10.01 -5.95 -47.20
N GLU A 507 10.34 -4.81 -46.58
CA GLU A 507 10.36 -4.69 -45.13
C GLU A 507 8.96 -4.41 -44.49
N GLN A 508 7.94 -4.17 -45.31
CA GLN A 508 6.55 -4.01 -44.82
C GLN A 508 5.96 -5.35 -44.38
N LEU A 509 6.23 -6.41 -45.13
CA LEU A 509 5.90 -7.79 -44.71
C LEU A 509 6.69 -8.21 -43.48
N GLN A 510 7.99 -7.88 -43.47
CA GLN A 510 8.90 -8.30 -42.41
C GLN A 510 8.57 -7.64 -41.06
N LEU A 511 8.25 -6.35 -41.07
CA LEU A 511 7.86 -5.62 -39.85
C LEU A 511 6.48 -6.06 -39.33
N ARG A 512 5.54 -6.26 -40.25
CA ARG A 512 4.19 -6.73 -39.90
C ARG A 512 4.24 -8.11 -39.26
N GLU A 513 5.00 -9.02 -39.87
CA GLU A 513 5.29 -10.34 -39.29
C GLU A 513 5.86 -10.22 -37.87
N ILE A 514 6.83 -9.33 -37.71
CA ILE A 514 7.46 -9.07 -36.41
C ILE A 514 6.47 -8.48 -35.40
N LEU A 515 5.73 -7.45 -35.80
CA LEU A 515 4.81 -6.73 -34.88
C LEU A 515 3.44 -7.41 -34.65
N GLU A 516 3.19 -8.55 -35.30
CA GLU A 516 2.02 -9.40 -34.99
C GLU A 516 2.31 -10.55 -34.02
N ARG A 517 3.46 -10.50 -33.32
CA ARG A 517 3.80 -11.44 -32.25
C ARG A 517 3.77 -10.71 -30.90
N LEU A 523 12.27 -9.41 -27.86
CA LEU A 523 12.70 -9.28 -29.25
C LEU A 523 14.15 -9.77 -29.45
N TYR A 524 14.44 -10.14 -30.70
CA TYR A 524 15.75 -10.66 -31.09
C TYR A 524 16.54 -9.60 -31.84
N GLU A 525 17.86 -9.73 -31.81
CA GLU A 525 18.78 -8.67 -32.26
C GLU A 525 18.70 -8.37 -33.77
N HIS A 526 18.48 -9.41 -34.57
CA HIS A 526 18.22 -9.25 -36.01
C HIS A 526 16.98 -8.43 -36.26
N GLU A 527 15.91 -8.73 -35.53
CA GLU A 527 14.62 -8.07 -35.70
C GLU A 527 14.63 -6.61 -35.23
N LYS A 528 15.43 -6.32 -34.20
CA LYS A 528 15.52 -4.97 -33.61
C LYS A 528 15.96 -3.86 -34.59
N ASP A 529 17.00 -4.14 -35.37
CA ASP A 529 17.53 -3.16 -36.34
C ASP A 529 16.54 -2.82 -37.46
N LEU A 530 15.74 -3.80 -37.87
CA LEU A 530 14.66 -3.57 -38.83
C LEU A 530 13.61 -2.62 -38.27
N VAL A 531 13.20 -2.84 -37.02
CA VAL A 531 12.22 -1.98 -36.36
C VAL A 531 12.76 -0.56 -36.24
N TRP A 532 14.04 -0.44 -35.89
CA TRP A 532 14.70 0.87 -35.76
C TRP A 532 14.78 1.64 -37.06
N LYS A 533 15.16 0.95 -38.14
CA LYS A 533 15.18 1.57 -39.48
C LYS A 533 13.79 2.07 -39.87
N LEU A 534 12.77 1.22 -39.67
CA LEU A 534 11.38 1.56 -40.03
C LEU A 534 10.59 2.15 -38.84
N ARG A 535 11.25 2.98 -38.03
CA ARG A 535 10.58 3.65 -36.91
C ARG A 535 9.55 4.69 -37.37
N HIS A 536 9.82 5.38 -38.48
CA HIS A 536 8.85 6.30 -39.07
C HIS A 536 7.59 5.58 -39.49
N GLU A 537 7.75 4.39 -40.08
CA GLU A 537 6.63 3.55 -40.49
C GLU A 537 5.90 2.88 -39.32
N VAL A 538 6.60 2.60 -38.23
CA VAL A 538 5.99 2.09 -37.00
C VAL A 538 4.99 3.11 -36.44
N GLN A 539 5.41 4.37 -36.30
CA GLN A 539 4.53 5.47 -35.87
C GLN A 539 3.31 5.62 -36.78
N GLU A 540 3.54 5.44 -38.08
CA GLU A 540 2.52 5.61 -39.10
C GLU A 540 1.50 4.48 -39.09
N HIS A 541 1.99 3.23 -39.13
CA HIS A 541 1.14 2.04 -39.32
C HIS A 541 0.94 1.15 -38.12
N PHE A 542 1.88 1.16 -37.18
CA PHE A 542 1.81 0.30 -35.98
C PHE A 542 1.95 1.11 -34.70
N PRO A 543 1.03 2.07 -34.46
CA PRO A 543 1.16 2.96 -33.30
C PRO A 543 1.20 2.23 -31.95
N GLU A 544 0.38 1.18 -31.81
CA GLU A 544 0.32 0.39 -30.57
C GLU A 544 1.65 -0.29 -30.21
N ALA A 545 2.55 -0.46 -31.18
CA ALA A 545 3.88 -1.05 -30.95
C ALA A 545 4.95 0.01 -30.58
N LEU A 546 4.59 0.95 -29.71
CA LEU A 546 5.52 1.97 -29.23
C LEU A 546 6.51 1.35 -28.25
N ALA A 547 5.99 0.60 -27.28
CA ALA A 547 6.82 -0.08 -26.28
C ALA A 547 7.84 -1.03 -26.90
N ARG A 548 7.43 -1.71 -27.98
CA ARG A 548 8.35 -2.55 -28.75
C ARG A 548 9.48 -1.71 -29.35
N LEU A 549 9.13 -0.52 -29.86
CA LEU A 549 10.11 0.40 -30.44
C LEU A 549 11.02 1.03 -29.38
N LEU A 550 10.44 1.47 -28.27
CA LEU A 550 11.22 2.07 -27.18
C LEU A 550 12.39 1.17 -26.73
N LEU A 551 12.14 -0.14 -26.67
CA LEU A 551 13.16 -1.11 -26.25
C LEU A 551 14.26 -1.36 -27.30
N VAL A 552 13.88 -1.35 -28.58
CA VAL A 552 14.87 -1.51 -29.68
C VAL A 552 15.80 -0.30 -29.82
N THR A 553 15.35 0.87 -29.34
CA THR A 553 16.16 2.10 -29.31
C THR A 553 17.39 1.92 -28.44
N LYS A 554 18.56 2.27 -28.97
CA LYS A 554 19.83 2.11 -28.24
C LYS A 554 20.06 3.35 -27.37
N TRP A 555 19.73 3.22 -26.08
CA TRP A 555 19.80 4.35 -25.14
C TRP A 555 21.20 4.77 -24.74
N ASN A 556 22.18 3.91 -25.01
CA ASN A 556 23.62 4.25 -24.82
C ASN A 556 24.26 5.07 -25.95
N LYS A 557 23.47 5.54 -26.92
CA LYS A 557 23.92 6.52 -27.93
C LYS A 557 22.94 7.70 -27.95
N HIS A 558 23.45 8.92 -27.79
CA HIS A 558 22.58 10.12 -27.70
C HIS A 558 21.95 10.54 -29.01
N GLU A 559 22.51 10.08 -30.12
CA GLU A 559 21.90 10.32 -31.45
C GLU A 559 20.57 9.58 -31.53
N ASP A 560 20.61 8.28 -31.24
CA ASP A 560 19.40 7.44 -31.23
C ASP A 560 18.33 7.98 -30.29
N VAL A 561 18.75 8.35 -29.09
CA VAL A 561 17.83 8.90 -28.07
C VAL A 561 17.13 10.18 -28.54
N ALA A 562 17.84 11.04 -29.26
CA ALA A 562 17.23 12.25 -29.84
C ALA A 562 16.18 11.93 -30.90
N GLN A 563 16.51 10.99 -31.79
CA GLN A 563 15.60 10.60 -32.88
C GLN A 563 14.30 9.94 -32.40
N MET A 564 14.42 9.09 -31.37
CA MET A 564 13.24 8.39 -30.82
C MET A 564 12.34 9.35 -30.04
N LEU A 565 12.93 10.25 -29.26
CA LEU A 565 12.18 11.28 -28.52
C LEU A 565 11.40 12.22 -29.45
N TYR A 566 11.99 12.55 -30.60
CA TYR A 566 11.33 13.37 -31.63
C TYR A 566 10.00 12.76 -32.09
N LEU A 567 10.00 11.44 -32.30
CA LEU A 567 8.79 10.71 -32.67
C LEU A 567 7.77 10.67 -31.52
N LEU A 568 8.27 10.55 -30.28
CA LEU A 568 7.40 10.42 -29.09
C LEU A 568 6.55 11.67 -28.84
N CYS A 569 7.12 12.84 -29.08
CA CYS A 569 6.38 14.11 -28.99
C CYS A 569 5.20 14.18 -29.96
N SER A 570 5.36 13.60 -31.16
CA SER A 570 4.30 13.53 -32.18
C SER A 570 3.46 12.24 -32.14
N TRP A 571 3.74 11.33 -31.20
CA TRP A 571 3.11 9.99 -31.22
C TRP A 571 1.65 10.08 -30.84
N PRO A 572 0.76 9.37 -31.58
CA PRO A 572 -0.69 9.48 -31.29
C PRO A 572 -1.10 8.85 -29.97
N GLU A 573 -2.15 9.39 -29.35
CA GLU A 573 -2.60 8.97 -28.03
C GLU A 573 -3.04 7.51 -28.01
N LEU A 574 -2.34 6.69 -27.21
CA LEU A 574 -2.63 5.25 -27.13
C LEU A 574 -3.78 4.98 -26.16
N PRO A 575 -4.42 3.79 -26.27
CA PRO A 575 -5.51 3.48 -25.33
C PRO A 575 -4.99 3.18 -23.94
N VAL A 576 -5.87 3.27 -22.95
CA VAL A 576 -5.52 3.07 -21.53
C VAL A 576 -4.71 1.78 -21.34
N LEU A 577 -5.19 0.70 -21.94
CA LEU A 577 -4.50 -0.60 -21.92
C LEU A 577 -3.01 -0.48 -22.32
N SER A 578 -2.76 0.17 -23.45
CA SER A 578 -1.38 0.33 -23.96
C SER A 578 -0.53 1.22 -23.04
N ALA A 579 -1.17 2.25 -22.47
CA ALA A 579 -0.47 3.21 -21.61
C ALA A 579 -0.05 2.59 -20.26
N LEU A 580 -0.80 1.59 -19.79
CA LEU A 580 -0.45 0.87 -18.57
C LEU A 580 0.89 0.15 -18.71
N GLU A 581 1.09 -0.51 -19.87
CA GLU A 581 2.36 -1.16 -20.19
C GLU A 581 3.54 -0.20 -20.09
N LEU A 582 3.33 1.06 -20.51
CA LEU A 582 4.41 2.06 -20.55
C LEU A 582 4.85 2.58 -19.16
N LEU A 583 4.07 2.30 -18.12
CA LEU A 583 4.46 2.63 -16.73
C LEU A 583 5.49 1.67 -16.09
N ASP A 584 5.79 0.55 -16.76
CA ASP A 584 6.67 -0.50 -16.21
C ASP A 584 8.14 -0.04 -16.11
N PHE A 585 8.92 -0.72 -15.27
CA PHE A 585 10.34 -0.36 -15.01
C PHE A 585 11.27 -0.31 -16.23
N SER A 586 10.91 -1.04 -17.29
CA SER A 586 11.66 -1.04 -18.56
C SER A 586 11.66 0.30 -19.32
N PHE A 587 10.71 1.18 -19.01
CA PHE A 587 10.54 2.46 -19.70
C PHE A 587 10.77 3.63 -18.73
N PRO A 588 12.05 3.86 -18.34
CA PRO A 588 12.35 4.85 -17.30
C PRO A 588 12.24 6.33 -17.72
N ASP A 589 12.39 6.64 -19.00
CA ASP A 589 12.49 8.03 -19.48
C ASP A 589 11.31 8.90 -19.03
N CYS A 590 11.59 10.16 -18.69
CA CYS A 590 10.56 11.11 -18.26
C CYS A 590 9.54 11.39 -19.35
N HIS A 591 10.01 11.45 -20.60
CA HIS A 591 9.14 11.67 -21.76
C HIS A 591 8.18 10.53 -22.01
N VAL A 592 8.58 9.31 -21.66
CA VAL A 592 7.73 8.13 -21.82
C VAL A 592 6.60 8.12 -20.79
N GLY A 593 6.98 8.22 -19.52
CA GLY A 593 6.00 8.28 -18.43
C GLY A 593 5.00 9.40 -18.63
N SER A 594 5.50 10.57 -19.04
CA SER A 594 4.64 11.71 -19.36
C SER A 594 3.61 11.36 -20.43
N PHE A 595 4.06 10.68 -21.49
CA PHE A 595 3.16 10.23 -22.56
C PHE A 595 2.13 9.22 -22.06
N ALA A 596 2.57 8.33 -21.17
CA ALA A 596 1.69 7.33 -20.57
C ALA A 596 0.54 7.98 -19.77
N ILE A 597 0.87 8.95 -18.92
CA ILE A 597 -0.13 9.64 -18.10
C ILE A 597 -1.09 10.42 -18.98
N LYS A 598 -0.54 11.14 -19.97
CA LYS A 598 -1.34 11.82 -21.00
C LYS A 598 -2.49 10.94 -21.50
N SER A 599 -2.21 9.66 -21.70
CA SER A 599 -3.20 8.66 -22.12
C SER A 599 -4.06 8.11 -20.98
N LEU A 600 -3.51 8.02 -19.77
CA LEU A 600 -4.30 7.68 -18.57
C LEU A 600 -5.24 8.80 -18.10
N ARG A 601 -5.03 10.03 -18.57
CA ARG A 601 -5.88 11.17 -18.16
C ARG A 601 -7.34 11.07 -18.60
N LYS A 602 -7.66 10.17 -19.52
CA LYS A 602 -9.07 9.90 -19.89
C LYS A 602 -9.77 8.84 -19.04
N LEU A 603 -9.08 8.28 -18.04
CA LEU A 603 -9.70 7.33 -17.10
C LEU A 603 -10.85 7.99 -16.33
N THR A 604 -12.02 7.35 -16.30
CA THR A 604 -13.07 7.71 -15.36
C THR A 604 -12.66 7.27 -13.96
N ASP A 605 -13.24 7.94 -12.95
CA ASP A 605 -12.93 7.67 -11.55
C ASP A 605 -13.20 6.20 -11.16
N ASP A 606 -14.24 5.60 -11.74
CA ASP A 606 -14.54 4.17 -11.52
C ASP A 606 -13.43 3.27 -12.04
N GLU A 607 -13.00 3.53 -13.28
CA GLU A 607 -11.94 2.76 -13.91
C GLU A 607 -10.57 3.03 -13.25
N LEU A 608 -10.30 4.27 -12.88
CA LEU A 608 -9.05 4.63 -12.20
C LEU A 608 -8.94 3.90 -10.87
N PHE A 609 -10.06 3.83 -10.15
CA PHE A 609 -10.12 3.14 -8.86
C PHE A 609 -9.72 1.67 -9.01
N GLN A 610 -10.15 1.05 -10.09
CA GLN A 610 -9.85 -0.37 -10.36
C GLN A 610 -8.36 -0.65 -10.54
N TYR A 611 -7.57 0.38 -10.91
CA TYR A 611 -6.11 0.28 -11.08
C TYR A 611 -5.28 1.05 -10.04
N LEU A 612 -5.90 1.62 -9.00
CA LEU A 612 -5.17 2.54 -8.09
C LEU A 612 -4.05 1.85 -7.32
N LEU A 613 -4.28 0.59 -6.93
CA LEU A 613 -3.25 -0.21 -6.25
C LEU A 613 -1.99 -0.32 -7.11
N GLN A 614 -2.17 -0.62 -8.39
CA GLN A 614 -1.05 -0.81 -9.30
C GLN A 614 -0.29 0.49 -9.56
N LEU A 615 -1.02 1.60 -9.72
CA LEU A 615 -0.38 2.90 -9.96
C LEU A 615 0.46 3.33 -8.74
N VAL A 616 -0.06 3.09 -7.54
CA VAL A 616 0.70 3.36 -6.31
C VAL A 616 2.03 2.59 -6.29
N GLN A 617 2.00 1.29 -6.60
CA GLN A 617 3.21 0.46 -6.59
C GLN A 617 4.27 0.96 -7.58
N VAL A 618 3.83 1.40 -8.76
CA VAL A 618 4.74 1.91 -9.80
C VAL A 618 5.62 3.10 -9.32
N LEU A 619 5.12 3.87 -8.35
CA LEU A 619 5.92 4.95 -7.73
C LEU A 619 7.27 4.44 -7.19
N LYS A 620 7.29 3.19 -6.71
CA LYS A 620 8.50 2.59 -6.16
C LYS A 620 9.66 2.58 -7.14
N TYR A 621 9.39 2.41 -8.44
CA TYR A 621 10.43 2.67 -9.43
C TYR A 621 10.15 3.91 -10.27
N GLU A 622 10.09 5.04 -9.57
CA GLU A 622 10.29 6.37 -10.16
C GLU A 622 11.63 6.87 -9.64
N SER A 623 12.27 7.73 -10.42
CA SER A 623 13.62 8.19 -10.11
C SER A 623 13.61 9.33 -9.08
N TYR A 624 12.84 10.36 -9.40
CA TYR A 624 12.81 11.60 -8.63
C TYR A 624 11.47 11.75 -7.92
N LEU A 625 11.41 12.66 -6.95
CA LEU A 625 10.22 12.78 -6.10
C LEU A 625 9.08 13.44 -6.88
N ASP A 626 9.35 14.62 -7.44
CA ASP A 626 8.41 15.33 -8.29
C ASP A 626 8.40 14.67 -9.65
N CYS A 627 7.34 13.93 -9.94
CA CYS A 627 7.13 13.30 -11.24
C CYS A 627 5.67 13.43 -11.67
N GLU A 628 5.40 13.07 -12.92
CA GLU A 628 4.06 13.17 -13.53
C GLU A 628 3.03 12.28 -12.84
N LEU A 629 3.40 11.03 -12.62
CA LEU A 629 2.54 10.05 -11.94
C LEU A 629 2.06 10.52 -10.58
N THR A 630 2.98 11.09 -9.79
CA THR A 630 2.59 11.64 -8.49
C THR A 630 1.60 12.78 -8.66
N LYS A 631 1.95 13.76 -9.50
CA LYS A 631 1.05 14.89 -9.75
C LYS A 631 -0.32 14.41 -10.22
N PHE A 632 -0.33 13.38 -11.05
CA PHE A 632 -1.57 12.78 -11.56
C PHE A 632 -2.41 12.18 -10.43
N LEU A 633 -1.79 11.39 -9.57
CA LEU A 633 -2.52 10.75 -8.45
C LEU A 633 -3.09 11.78 -7.48
N LEU A 634 -2.30 12.80 -7.17
CA LEU A 634 -2.77 13.91 -6.33
C LEU A 634 -3.88 14.69 -7.01
N ASP A 635 -3.74 14.95 -8.33
CA ASP A 635 -4.83 15.56 -9.11
C ASP A 635 -6.16 14.85 -8.88
N ARG A 636 -6.15 13.53 -9.00
CA ARG A 636 -7.37 12.73 -8.96
C ARG A 636 -7.91 12.60 -7.54
N ALA A 637 -7.01 12.48 -6.56
CA ALA A 637 -7.36 12.40 -5.13
C ALA A 637 -8.05 13.65 -4.61
N LEU A 638 -7.62 14.80 -5.10
CA LEU A 638 -8.21 16.08 -4.73
C LEU A 638 -9.56 16.31 -5.40
N ALA A 639 -9.79 15.67 -6.55
CA ALA A 639 -11.06 15.81 -7.29
C ALA A 639 -12.14 14.83 -6.81
N ASN A 640 -11.71 13.69 -6.26
CA ASN A 640 -12.60 12.61 -5.81
C ASN A 640 -12.14 12.13 -4.43
N ARG A 641 -12.98 12.34 -3.42
CA ARG A 641 -12.61 12.02 -2.02
C ARG A 641 -12.40 10.52 -1.76
N LYS A 642 -13.20 9.67 -2.42
CA LYS A 642 -13.03 8.21 -2.37
C LYS A 642 -11.66 7.77 -2.91
N ILE A 643 -11.24 8.34 -4.04
CA ILE A 643 -9.90 8.06 -4.58
C ILE A 643 -8.82 8.55 -3.59
N GLY A 644 -9.06 9.69 -2.96
CA GLY A 644 -8.15 10.21 -1.94
C GLY A 644 -8.04 9.24 -0.77
N HIS A 645 -9.20 8.82 -0.26
CA HIS A 645 -9.26 7.86 0.84
C HIS A 645 -8.40 6.65 0.60
N PHE A 646 -8.58 6.01 -0.54
CA PHE A 646 -7.84 4.77 -0.83
C PHE A 646 -6.39 5.01 -1.25
N LEU A 647 -6.09 6.15 -1.88
CA LEU A 647 -4.69 6.57 -2.10
C LEU A 647 -3.96 6.76 -0.76
N PHE A 648 -4.66 7.30 0.24
CA PHE A 648 -4.07 7.57 1.56
C PHE A 648 -3.62 6.27 2.24
N TRP A 649 -4.51 5.28 2.30
CA TRP A 649 -4.21 4.03 2.99
C TRP A 649 -3.24 3.16 2.23
N HIS A 650 -3.26 3.21 0.89
CA HIS A 650 -2.27 2.49 0.06
C HIS A 650 -0.89 2.99 0.37
N LEU A 651 -0.75 4.30 0.55
CA LEU A 651 0.53 4.91 0.94
C LEU A 651 0.84 4.70 2.43
N ARG A 652 -0.14 5.00 3.30
CA ARG A 652 0.06 4.91 4.76
C ARG A 652 0.51 3.55 5.26
N SER A 653 -0.02 2.48 4.66
CA SER A 653 0.34 1.10 5.04
C SER A 653 1.75 0.64 4.62
N GLU A 654 2.51 1.51 3.93
CA GLU A 654 3.90 1.23 3.57
C GLU A 654 4.92 2.24 4.14
N MET A 655 4.47 3.12 5.04
CA MET A 655 5.36 4.10 5.68
C MET A 655 6.39 3.47 6.63
N HIS A 656 6.12 2.25 7.09
CA HIS A 656 7.11 1.43 7.80
C HIS A 656 8.25 0.90 6.93
N VAL A 657 8.07 0.87 5.61
CA VAL A 657 9.07 0.34 4.68
C VAL A 657 10.13 1.40 4.38
N PRO A 658 11.38 1.21 4.86
CA PRO A 658 12.38 2.27 4.70
C PRO A 658 12.52 2.81 3.28
N SER A 659 12.49 1.94 2.28
CA SER A 659 12.73 2.34 0.89
C SER A 659 11.68 3.29 0.29
N VAL A 660 10.47 3.33 0.85
CA VAL A 660 9.39 4.24 0.37
C VAL A 660 8.90 5.30 1.36
N ALA A 661 9.32 5.21 2.63
CA ALA A 661 8.86 6.12 3.70
C ALA A 661 8.93 7.62 3.36
N LEU A 662 10.03 8.07 2.77
CA LEU A 662 10.21 9.47 2.38
C LEU A 662 9.26 9.85 1.24
N ARG A 663 9.31 9.09 0.15
CA ARG A 663 8.48 9.37 -1.03
C ARG A 663 7.01 9.41 -0.63
N PHE A 664 6.56 8.32 -0.03
CA PHE A 664 5.17 8.18 0.44
C PHE A 664 4.84 9.20 1.53
N GLY A 665 5.80 9.49 2.42
CA GLY A 665 5.65 10.54 3.41
C GLY A 665 5.26 11.89 2.81
N LEU A 666 6.05 12.37 1.86
CA LEU A 666 5.86 13.70 1.27
C LEU A 666 4.55 13.83 0.51
N ILE A 667 4.11 12.75 -0.12
CA ILE A 667 2.84 12.74 -0.88
C ILE A 667 1.65 12.86 0.08
N LEU A 668 1.67 12.06 1.16
CA LEU A 668 0.60 12.10 2.17
C LEU A 668 0.43 13.50 2.79
N GLU A 669 1.54 14.20 3.02
CA GLU A 669 1.50 15.60 3.46
C GLU A 669 0.74 16.46 2.44
N ALA A 670 1.06 16.30 1.16
CA ALA A 670 0.42 17.07 0.07
C ALA A 670 -1.09 16.81 0.02
N TYR A 671 -1.46 15.53 0.05
CA TYR A 671 -2.88 15.14 0.06
C TYR A 671 -3.62 15.77 1.23
N CYS A 672 -3.04 15.61 2.43
CA CYS A 672 -3.65 16.09 3.68
C CYS A 672 -3.93 17.59 3.66
N ARG A 673 -3.01 18.36 3.09
CA ARG A 673 -3.14 19.81 2.97
C ARG A 673 -4.24 20.26 2.03
N GLY A 674 -4.57 19.42 1.04
CA GLY A 674 -5.70 19.66 0.15
C GLY A 674 -6.96 18.86 0.50
N SER A 675 -6.95 18.16 1.63
CA SER A 675 -8.08 17.33 2.06
C SER A 675 -8.32 17.43 3.57
N THR A 676 -8.27 18.65 4.12
CA THR A 676 -8.50 18.88 5.56
C THR A 676 -9.84 18.34 6.09
N HIS A 677 -10.88 18.35 5.26
CA HIS A 677 -12.16 17.70 5.59
C HIS A 677 -11.90 16.26 5.90
N HIS A 678 -11.39 15.53 4.91
CA HIS A 678 -11.17 14.10 5.05
C HIS A 678 -10.09 13.78 6.05
N MET A 679 -9.16 14.71 6.23
CA MET A 679 -8.10 14.60 7.23
C MET A 679 -8.67 14.37 8.63
N LYS A 680 -9.80 15.01 8.91
CA LYS A 680 -10.54 14.80 10.17
C LYS A 680 -11.05 13.36 10.28
N VAL A 681 -11.59 12.82 9.18
CA VAL A 681 -12.13 11.46 9.16
C VAL A 681 -11.03 10.40 9.34
N LEU A 682 -9.93 10.55 8.60
CA LEU A 682 -8.78 9.64 8.69
C LEU A 682 -8.12 9.62 10.08
N MET A 683 -8.19 10.73 10.81
CA MET A 683 -7.73 10.77 12.21
C MET A 683 -8.55 9.82 13.09
N LYS A 684 -9.87 9.89 12.97
CA LYS A 684 -10.78 9.03 13.75
C LYS A 684 -10.54 7.55 13.44
N GLN A 685 -10.25 7.26 12.17
CA GLN A 685 -9.93 5.91 11.73
C GLN A 685 -8.60 5.42 12.29
N GLY A 686 -7.59 6.29 12.22
CA GLY A 686 -6.25 6.00 12.74
C GLY A 686 -6.25 5.61 14.21
N GLU A 687 -7.02 6.36 15.00
CA GLU A 687 -7.15 6.10 16.44
C GLU A 687 -7.98 4.87 16.77
N ALA A 688 -8.98 4.55 15.95
CA ALA A 688 -9.74 3.30 16.10
C ALA A 688 -8.79 2.12 15.90
N LEU A 689 -8.04 2.17 14.80
CA LEU A 689 -6.99 1.19 14.48
C LEU A 689 -5.88 1.16 15.53
N SER A 690 -5.57 2.31 16.12
CA SER A 690 -4.60 2.42 17.22
C SER A 690 -5.01 1.57 18.42
N LYS A 691 -6.29 1.66 18.77
CA LYS A 691 -6.85 0.91 19.91
C LYS A 691 -6.99 -0.58 19.60
N LEU A 692 -7.38 -0.91 18.38
CA LEU A 692 -7.53 -2.32 17.95
C LEU A 692 -6.23 -3.14 18.10
N LYS A 693 -5.09 -2.52 17.76
CA LYS A 693 -3.77 -3.13 17.98
C LYS A 693 -3.60 -3.46 19.45
N ALA A 694 -3.81 -2.46 20.31
CA ALA A 694 -3.76 -2.62 21.76
C ALA A 694 -4.72 -3.70 22.27
N LEU A 695 -5.91 -3.76 21.66
CA LEU A 695 -6.92 -4.75 22.02
C LEU A 695 -6.53 -6.14 21.54
N ASN A 696 -6.09 -6.25 20.29
CA ASN A 696 -5.67 -7.53 19.73
C ASN A 696 -4.44 -8.08 20.46
N ASP A 697 -3.52 -7.18 20.84
CA ASP A 697 -2.30 -7.56 21.56
C ASP A 697 -2.59 -8.12 22.96
N PHE A 698 -3.59 -7.55 23.65
CA PHE A 698 -4.07 -8.10 24.92
C PHE A 698 -4.69 -9.49 24.74
N VAL A 699 -5.52 -9.64 23.71
CA VAL A 699 -6.15 -10.92 23.36
C VAL A 699 -5.11 -11.99 23.00
N LYS A 700 -4.15 -11.62 22.13
CA LYS A 700 -3.00 -12.50 21.78
C LYS A 700 -2.27 -13.04 23.02
N LEU A 701 -1.99 -12.13 23.96
CA LEU A 701 -1.30 -12.47 25.21
C LEU A 701 -2.19 -13.30 26.13
N SER A 702 -3.48 -12.94 26.21
CA SER A 702 -4.46 -13.65 27.04
C SER A 702 -4.74 -15.08 26.56
N SER A 703 -4.76 -15.29 25.25
CA SER A 703 -5.00 -16.60 24.66
C SER A 703 -3.95 -17.64 25.07
N GLN A 704 -2.70 -17.21 25.15
CA GLN A 704 -1.60 -18.06 25.64
C GLN A 704 -1.78 -18.50 27.11
N LYS A 705 -2.42 -17.65 27.92
CA LYS A 705 -2.62 -17.90 29.35
C LYS A 705 -3.88 -18.72 29.64
N THR A 706 -5.04 -18.17 29.30
CA THR A 706 -6.35 -18.69 29.71
C THR A 706 -7.14 -19.32 28.55
N PRO A 707 -8.29 -19.98 28.85
CA PRO A 707 -9.20 -20.41 27.79
C PRO A 707 -9.92 -19.27 27.07
N LYS A 708 -10.50 -19.56 25.90
CA LYS A 708 -11.13 -18.56 25.03
C LYS A 708 -12.38 -17.88 25.63
N PRO A 709 -13.33 -18.65 26.19
CA PRO A 709 -14.55 -18.05 26.76
C PRO A 709 -14.29 -16.84 27.67
N GLN A 710 -13.37 -17.02 28.62
CA GLN A 710 -13.03 -15.96 29.59
C GLN A 710 -12.27 -14.80 28.95
N THR A 711 -11.42 -15.09 27.96
CA THR A 711 -10.72 -14.06 27.18
C THR A 711 -11.71 -13.13 26.44
N LYS A 712 -12.82 -13.71 25.99
CA LYS A 712 -13.89 -12.97 25.29
C LYS A 712 -14.59 -11.97 26.22
N GLU A 713 -14.90 -12.40 27.45
CA GLU A 713 -15.45 -11.50 28.47
C GLU A 713 -14.42 -10.45 28.92
N LEU A 714 -13.16 -10.87 29.04
CA LEU A 714 -12.05 -9.95 29.38
C LEU A 714 -11.75 -8.94 28.27
N MET A 715 -11.94 -9.34 27.01
CA MET A 715 -11.83 -8.42 25.88
C MET A 715 -12.85 -7.28 25.99
N HIS A 716 -14.07 -7.63 26.37
CA HIS A 716 -15.16 -6.65 26.49
C HIS A 716 -14.88 -5.63 27.55
N LEU A 717 -14.43 -6.09 28.72
CA LEU A 717 -14.03 -5.19 29.83
C LEU A 717 -13.06 -4.09 29.40
N CYS A 718 -12.12 -4.44 28.51
CA CYS A 718 -11.23 -3.45 27.89
C CYS A 718 -12.01 -2.55 26.92
N MET A 719 -12.91 -3.14 26.14
CA MET A 719 -13.77 -2.38 25.21
C MET A 719 -14.78 -1.45 25.89
N ARG A 720 -15.14 -1.71 27.15
CA ARG A 720 -16.08 -0.85 27.90
C ARG A 720 -15.51 0.54 28.22
N GLN A 721 -14.18 0.64 28.31
CA GLN A 721 -13.50 1.87 28.78
C GLN A 721 -13.82 3.12 27.96
N GLU A 722 -13.69 4.28 28.61
CA GLU A 722 -13.96 5.60 28.01
C GLU A 722 -13.14 5.81 26.73
N ALA A 723 -11.84 5.57 26.83
CA ALA A 723 -10.92 5.74 25.70
C ALA A 723 -11.16 4.71 24.59
N TYR A 724 -11.44 3.47 24.96
CA TYR A 724 -11.66 2.38 24.00
C TYR A 724 -13.02 2.46 23.30
N LEU A 725 -14.08 2.66 24.08
CA LEU A 725 -15.44 2.69 23.54
C LEU A 725 -15.65 3.86 22.57
N GLU A 726 -15.20 5.06 22.97
CA GLU A 726 -15.39 6.27 22.16
C GLU A 726 -14.54 6.29 20.89
N ALA A 727 -13.32 5.78 20.97
CA ALA A 727 -12.42 5.69 19.82
C ALA A 727 -12.97 4.74 18.76
N LEU A 728 -13.42 3.56 19.21
CA LEU A 728 -14.02 2.55 18.31
C LEU A 728 -15.42 2.95 17.84
N SER A 729 -16.15 3.75 18.61
CA SER A 729 -17.50 4.20 18.21
C SER A 729 -17.44 5.34 17.21
N HIS A 730 -18.43 5.35 16.30
CA HIS A 730 -18.75 6.50 15.46
C HIS A 730 -17.63 6.94 14.57
N LEU A 731 -17.46 6.22 13.48
CA LEU A 731 -16.45 6.54 12.47
C LEU A 731 -16.82 5.93 11.12
N GLN A 732 -16.41 6.60 10.04
CA GLN A 732 -16.56 6.06 8.70
C GLN A 732 -15.63 4.85 8.54
N SER A 733 -16.14 3.77 7.94
CA SER A 733 -15.33 2.56 7.72
C SER A 733 -14.14 2.85 6.80
N PRO A 734 -12.93 2.40 7.18
CA PRO A 734 -11.80 2.40 6.25
C PRO A 734 -12.03 1.59 4.98
N LEU A 735 -12.78 0.50 5.08
CA LEU A 735 -13.10 -0.36 3.92
C LEU A 735 -14.07 0.30 2.92
N ASP A 736 -14.86 1.25 3.40
CA ASP A 736 -15.81 1.99 2.56
C ASP A 736 -16.22 3.26 3.33
N PRO A 737 -15.61 4.41 3.00
CA PRO A 737 -15.89 5.60 3.79
C PRO A 737 -17.33 6.11 3.72
N SER A 738 -18.10 5.65 2.72
CA SER A 738 -19.55 5.88 2.71
C SER A 738 -20.27 5.09 3.81
N THR A 739 -19.78 3.89 4.14
CA THR A 739 -20.35 3.05 5.22
C THR A 739 -20.02 3.62 6.59
N LEU A 740 -21.02 3.65 7.47
CA LEU A 740 -20.91 4.28 8.78
C LEU A 740 -20.87 3.21 9.88
N LEU A 741 -19.79 3.21 10.67
CA LEU A 741 -19.68 2.36 11.85
C LEU A 741 -20.04 3.24 13.05
N ALA A 742 -21.19 2.96 13.66
CA ALA A 742 -21.75 3.83 14.70
C ALA A 742 -21.52 3.26 16.10
N GLU A 743 -22.37 2.32 16.52
CA GLU A 743 -22.35 1.75 17.87
C GLU A 743 -21.71 0.36 17.82
N VAL A 744 -20.65 0.16 18.59
CA VAL A 744 -20.09 -1.18 18.79
C VAL A 744 -21.10 -2.07 19.54
N CYS A 745 -21.36 -3.26 19.00
CA CYS A 745 -22.16 -4.28 19.68
C CYS A 745 -21.18 -5.18 20.45
N VAL A 746 -20.83 -4.75 21.66
CA VAL A 746 -19.83 -5.44 22.47
C VAL A 746 -20.24 -6.88 22.81
N GLU A 747 -21.55 -7.16 22.85
CA GLU A 747 -22.06 -8.53 22.96
C GLU A 747 -21.59 -9.40 21.79
N GLN A 748 -21.76 -8.90 20.57
CA GLN A 748 -21.38 -9.62 19.35
C GLN A 748 -19.88 -9.56 18.99
N CYS A 749 -19.10 -8.78 19.75
CA CYS A 749 -17.65 -8.70 19.53
C CYS A 749 -16.93 -9.96 20.01
N THR A 750 -15.91 -10.38 19.26
CA THR A 750 -15.16 -11.62 19.53
C THR A 750 -13.85 -11.68 18.74
N PHE A 751 -13.17 -12.83 18.80
CA PHE A 751 -11.95 -13.08 18.01
C PHE A 751 -11.95 -14.51 17.45
N MET A 752 -11.33 -14.67 16.28
CA MET A 752 -11.32 -15.96 15.57
C MET A 752 -10.16 -16.84 16.00
N ASP A 753 -10.35 -18.16 15.87
CA ASP A 753 -9.29 -19.12 16.15
C ASP A 753 -8.37 -19.21 14.94
N SER A 754 -7.21 -18.59 15.05
CA SER A 754 -6.25 -18.47 13.94
C SER A 754 -4.93 -17.99 14.53
N LYS A 755 -3.82 -18.34 13.88
CA LYS A 755 -2.47 -18.02 14.39
C LYS A 755 -2.35 -16.62 15.01
N MET A 756 -2.90 -15.61 14.32
CA MET A 756 -2.84 -14.19 14.77
C MET A 756 -4.06 -13.71 15.55
N LYS A 757 -5.10 -14.54 15.63
CA LYS A 757 -6.25 -14.31 16.50
C LYS A 757 -6.96 -12.97 16.22
N PRO A 758 -7.44 -12.80 14.97
CA PRO A 758 -7.95 -11.51 14.50
C PRO A 758 -9.32 -11.16 15.10
N LEU A 759 -9.49 -9.88 15.42
CA LEU A 759 -10.65 -9.40 16.16
C LEU A 759 -11.87 -9.27 15.23
N TRP A 760 -13.04 -9.60 15.76
CA TRP A 760 -14.30 -9.63 15.01
C TRP A 760 -15.23 -8.64 15.66
N ILE A 761 -15.21 -7.41 15.13
CA ILE A 761 -15.92 -6.27 15.74
C ILE A 761 -17.21 -6.01 15.00
N MET A 762 -18.34 -6.16 15.70
CA MET A 762 -19.68 -5.95 15.11
C MET A 762 -20.25 -4.60 15.52
N TYR A 763 -20.84 -3.90 14.55
CA TYR A 763 -21.48 -2.59 14.77
C TYR A 763 -22.99 -2.64 14.53
N SER A 764 -23.66 -1.55 14.89
CA SER A 764 -25.09 -1.35 14.61
C SER A 764 -25.40 0.11 14.29
N ASN A 765 -26.54 0.34 13.66
CA ASN A 765 -26.94 1.67 13.20
C ASN A 765 -28.47 1.82 13.17
N GLU A 766 -29.00 2.74 13.98
CA GLU A 766 -30.44 3.01 14.05
C GLU A 766 -30.97 3.77 12.83
N GLU A 767 -30.06 4.40 12.08
CA GLU A 767 -30.39 5.06 10.81
C GLU A 767 -30.63 4.03 9.70
N ALA A 768 -29.72 3.06 9.56
CA ALA A 768 -29.82 2.03 8.52
C ALA A 768 -30.91 1.01 8.86
N GLY A 772 -29.56 -3.17 9.02
CA GLY A 772 -28.37 -2.32 9.08
C GLY A 772 -27.43 -2.76 10.20
N SER A 773 -26.45 -3.59 9.85
CA SER A 773 -25.51 -4.15 10.83
C SER A 773 -24.18 -4.54 10.15
N VAL A 774 -23.21 -3.64 10.19
CA VAL A 774 -21.90 -3.83 9.55
C VAL A 774 -20.92 -4.48 10.52
N GLY A 775 -19.96 -5.24 9.99
CA GLY A 775 -18.90 -5.86 10.79
C GLY A 775 -17.54 -5.76 10.12
N ILE A 776 -16.47 -5.72 10.92
CA ILE A 776 -15.09 -5.71 10.41
C ILE A 776 -14.21 -6.70 11.15
N ILE A 777 -13.07 -7.03 10.53
CA ILE A 777 -12.05 -7.90 11.14
C ILE A 777 -10.71 -7.17 11.19
N PHE A 778 -10.22 -6.89 12.39
CA PHE A 778 -8.86 -6.35 12.55
C PHE A 778 -7.89 -7.52 12.68
N LYS A 779 -7.09 -7.73 11.63
CA LYS A 779 -6.08 -8.78 11.60
C LYS A 779 -4.71 -8.14 11.70
N ASN A 780 -3.89 -8.60 12.65
CA ASN A 780 -2.53 -8.07 12.84
C ASN A 780 -1.50 -9.18 13.05
N GLY A 781 -0.49 -9.22 12.19
CA GLY A 781 0.60 -10.21 12.27
C GLY A 781 0.90 -10.83 10.91
N ASP A 782 -0.15 -11.22 10.20
CA ASP A 782 -0.03 -11.73 8.82
C ASP A 782 -0.13 -10.57 7.86
N ASP A 783 0.15 -10.87 6.58
CA ASP A 783 0.20 -9.88 5.52
C ASP A 783 -1.05 -10.01 4.63
N LEU A 784 -1.66 -8.87 4.28
CA LEU A 784 -2.93 -8.84 3.54
C LEU A 784 -2.81 -8.35 2.10
N ARG A 785 -1.60 -8.01 1.67
CA ARG A 785 -1.39 -7.37 0.37
C ARG A 785 -1.81 -8.30 -0.78
N GLN A 786 -1.44 -9.57 -0.65
CA GLN A 786 -1.80 -10.61 -1.61
C GLN A 786 -3.31 -10.88 -1.65
N ASP A 787 -3.95 -10.88 -0.48
CA ASP A 787 -5.41 -11.04 -0.40
C ASP A 787 -6.15 -9.82 -0.95
N MET A 788 -5.56 -8.62 -0.82
CA MET A 788 -6.14 -7.43 -1.44
C MET A 788 -6.05 -7.51 -2.96
N LEU A 789 -4.86 -7.86 -3.45
CA LEU A 789 -4.63 -8.00 -4.88
C LEU A 789 -5.59 -9.01 -5.50
N THR A 790 -5.76 -10.15 -4.82
CA THR A 790 -6.63 -11.22 -5.29
C THR A 790 -8.08 -10.75 -5.34
N LEU A 791 -8.52 -10.07 -4.28
CA LEU A 791 -9.88 -9.52 -4.22
C LEU A 791 -10.08 -8.36 -5.19
N GLN A 792 -9.04 -7.55 -5.40
CA GLN A 792 -9.07 -6.53 -6.45
C GLN A 792 -9.34 -7.17 -7.81
N MET A 793 -8.74 -8.34 -8.06
CA MET A 793 -8.86 -9.02 -9.36
C MET A 793 -10.20 -9.69 -9.55
N ILE A 794 -10.72 -10.31 -8.49
CA ILE A 794 -12.06 -10.91 -8.51
C ILE A 794 -13.11 -9.83 -8.66
N GLN A 795 -12.90 -8.67 -8.04
CA GLN A 795 -13.72 -7.49 -8.32
C GLN A 795 -13.64 -7.08 -9.80
N LEU A 796 -12.42 -6.99 -10.33
CA LEU A 796 -12.20 -6.55 -11.71
C LEU A 796 -12.88 -7.48 -12.69
N MET A 797 -12.73 -8.79 -12.43
CA MET A 797 -13.43 -9.83 -13.18
C MET A 797 -14.94 -9.58 -13.17
N ASP A 798 -15.50 -9.40 -11.96
CA ASP A 798 -16.94 -9.16 -11.75
C ASP A 798 -17.46 -7.98 -12.56
N VAL A 799 -16.69 -6.90 -12.63
CA VAL A 799 -17.03 -5.75 -13.49
C VAL A 799 -17.02 -6.15 -14.97
N LEU A 800 -15.95 -6.80 -15.42
CA LEU A 800 -15.83 -7.26 -16.81
C LEU A 800 -16.98 -8.19 -17.20
N TRP A 801 -17.34 -9.12 -16.30
CA TRP A 801 -18.48 -10.02 -16.51
C TRP A 801 -19.79 -9.28 -16.52
N LYS A 802 -19.96 -8.33 -15.59
CA LYS A 802 -21.16 -7.49 -15.55
C LYS A 802 -21.30 -6.61 -16.80
N GLN A 803 -20.17 -6.08 -17.30
CA GLN A 803 -20.15 -5.27 -18.53
C GLN A 803 -20.57 -6.03 -19.80
N GLU A 804 -20.49 -7.36 -19.80
CA GLU A 804 -21.06 -8.20 -20.88
C GLU A 804 -22.43 -8.79 -20.50
N GLY A 805 -23.07 -8.25 -19.47
CA GLY A 805 -24.39 -8.71 -19.02
C GLY A 805 -24.44 -10.06 -18.30
N LEU A 806 -23.35 -10.40 -17.62
CA LEU A 806 -23.26 -11.64 -16.84
C LEU A 806 -22.98 -11.28 -15.37
N ASP A 807 -24.03 -11.31 -14.55
CA ASP A 807 -23.85 -11.18 -13.11
C ASP A 807 -23.69 -12.57 -12.53
N LEU A 808 -22.48 -12.89 -12.07
CA LEU A 808 -22.20 -14.19 -11.45
C LEU A 808 -22.19 -14.12 -9.92
N ARG A 809 -22.91 -13.17 -9.34
CA ARG A 809 -23.22 -13.14 -7.90
C ARG A 809 -22.01 -13.25 -6.98
N MET A 810 -20.91 -12.60 -7.36
CA MET A 810 -19.65 -12.69 -6.62
C MET A 810 -19.74 -11.82 -5.38
N THR A 811 -18.89 -12.13 -4.39
CA THR A 811 -18.83 -11.38 -3.15
C THR A 811 -17.36 -11.00 -2.91
N PRO A 812 -16.84 -10.03 -3.70
CA PRO A 812 -15.48 -9.56 -3.48
C PRO A 812 -15.44 -8.63 -2.26
N TYR A 813 -15.41 -9.24 -1.09
CA TYR A 813 -15.41 -8.50 0.18
C TYR A 813 -14.18 -7.59 0.28
N GLY A 814 -14.33 -6.48 0.99
CA GLY A 814 -13.25 -5.50 1.15
C GLY A 814 -12.11 -6.02 1.98
N CYS A 815 -10.89 -5.72 1.55
CA CYS A 815 -9.67 -6.04 2.29
C CYS A 815 -8.67 -4.91 2.13
N LEU A 816 -8.33 -4.25 3.24
CA LEU A 816 -7.49 -3.04 3.23
C LEU A 816 -6.32 -3.16 4.21
N PRO A 817 -5.09 -3.19 3.69
CA PRO A 817 -3.92 -3.02 4.56
C PRO A 817 -3.82 -1.59 5.05
N THR A 818 -3.83 -1.43 6.37
CA THR A 818 -3.75 -0.13 7.02
C THR A 818 -2.33 0.17 7.51
N GLY A 819 -1.55 -0.86 7.84
CA GLY A 819 -0.25 -0.64 8.48
C GLY A 819 0.74 -1.78 8.34
N ASP A 820 1.69 -1.81 9.27
CA ASP A 820 2.73 -2.85 9.33
C ASP A 820 2.09 -4.21 9.68
N ARG A 821 1.94 -5.07 8.67
CA ARG A 821 1.26 -6.37 8.80
C ARG A 821 -0.06 -6.20 9.55
N THR A 822 -0.87 -5.25 9.08
CA THR A 822 -2.08 -4.83 9.78
C THR A 822 -3.13 -4.38 8.78
N GLY A 823 -4.39 -4.71 9.03
CA GLY A 823 -5.47 -4.33 8.14
C GLY A 823 -6.87 -4.73 8.57
N LEU A 824 -7.84 -4.30 7.76
CA LEU A 824 -9.24 -4.61 7.96
C LEU A 824 -9.76 -5.48 6.83
N ILE A 825 -10.70 -6.36 7.18
CA ILE A 825 -11.35 -7.24 6.23
C ILE A 825 -12.85 -7.12 6.47
N GLU A 826 -13.62 -6.96 5.40
CA GLU A 826 -15.08 -6.82 5.48
C GLU A 826 -15.71 -8.13 5.91
N VAL A 827 -16.64 -8.06 6.85
CA VAL A 827 -17.45 -9.21 7.26
C VAL A 827 -18.63 -9.31 6.31
N VAL A 828 -18.72 -10.45 5.60
CA VAL A 828 -19.91 -10.78 4.80
C VAL A 828 -20.96 -11.38 5.74
N LEU A 829 -22.05 -10.64 5.95
CA LEU A 829 -23.13 -11.06 6.87
C LEU A 829 -23.83 -12.33 6.41
N ARG A 830 -24.45 -13.03 7.37
CA ARG A 830 -25.32 -14.17 7.07
C ARG A 830 -24.57 -15.23 6.25
N SER A 831 -23.39 -15.63 6.74
CA SER A 831 -22.57 -16.64 6.07
C SER A 831 -21.95 -17.64 7.05
N ASP A 832 -21.51 -18.78 6.50
CA ASP A 832 -20.75 -19.78 7.24
C ASP A 832 -19.89 -20.61 6.27
N THR A 833 -18.87 -21.29 6.81
CA THR A 833 -17.97 -22.10 6.00
C THR A 833 -18.62 -23.43 5.66
N ILE A 834 -18.29 -23.97 4.48
CA ILE A 834 -18.84 -25.26 4.00
C ILE A 834 -18.58 -26.37 5.02
N ALA A 835 -17.37 -26.41 5.56
CA ALA A 835 -16.99 -27.36 6.62
C ALA A 835 -17.92 -27.31 7.84
N ASN A 836 -18.24 -26.10 8.30
CA ASN A 836 -19.16 -25.91 9.44
C ASN A 836 -20.61 -26.30 9.12
N ILE A 837 -21.07 -26.00 7.91
CA ILE A 837 -22.43 -26.38 7.47
C ILE A 837 -22.58 -27.90 7.44
N GLN A 838 -21.59 -28.57 6.87
CA GLN A 838 -21.55 -30.04 6.81
C GLN A 838 -21.33 -30.73 8.17
N LEU A 839 -20.77 -30.02 9.15
CA LEU A 839 -20.48 -30.57 10.48
C LEU A 839 -21.72 -30.89 11.32
N ASN A 840 -22.88 -30.30 11.01
CA ASN A 840 -24.13 -30.62 11.72
C ASN A 840 -24.62 -32.06 11.48
N LYS A 841 -24.69 -32.43 10.20
CA LYS A 841 -25.15 -33.77 9.78
C LYS A 841 -23.96 -34.68 9.45
N SER A 842 -23.34 -35.24 10.50
CA SER A 842 -22.16 -36.11 10.37
C SER A 842 -22.52 -37.58 10.67
N ASN A 843 -21.95 -38.50 9.89
CA ASN A 843 -22.21 -39.95 10.01
C ASN A 843 -21.15 -40.70 10.85
N MET A 844 -19.93 -40.14 10.94
CA MET A 844 -18.81 -40.71 11.72
C MET A 844 -18.29 -42.04 11.14
N ALA A 845 -18.10 -42.06 9.82
CA ALA A 845 -17.54 -43.22 9.09
C ALA A 845 -18.34 -44.51 9.29
N PHE A 850 -26.81 -41.40 4.56
CA PHE A 850 -25.79 -40.61 3.87
C PHE A 850 -25.46 -39.32 4.63
N ASN A 851 -24.18 -38.93 4.60
CA ASN A 851 -23.71 -37.66 5.20
C ASN A 851 -23.84 -36.45 4.26
N LYS A 852 -24.00 -36.71 2.96
CA LYS A 852 -24.20 -35.65 1.94
C LYS A 852 -25.58 -34.97 2.07
N ASP A 853 -25.90 -34.05 1.15
CA ASP A 853 -27.10 -33.20 1.19
C ASP A 853 -27.11 -32.22 2.38
N ALA A 854 -25.96 -31.97 2.98
CA ALA A 854 -25.86 -31.09 4.16
C ALA A 854 -25.94 -29.63 3.72
N LEU A 855 -25.20 -29.28 2.66
CA LEU A 855 -25.31 -27.95 2.03
C LEU A 855 -26.71 -27.70 1.49
N LEU A 856 -27.31 -28.73 0.89
CA LEU A 856 -28.64 -28.63 0.29
C LEU A 856 -29.74 -28.51 1.35
N ASN A 857 -29.64 -29.28 2.43
CA ASN A 857 -30.50 -29.13 3.62
C ASN A 857 -30.41 -27.74 4.25
N TRP A 858 -29.20 -27.19 4.29
CA TRP A 858 -28.97 -25.87 4.87
C TRP A 858 -29.64 -24.76 4.08
N LEU A 859 -29.61 -24.85 2.76
CA LEU A 859 -30.28 -23.87 1.89
C LEU A 859 -31.81 -23.94 1.94
N LYS A 860 -32.37 -25.10 2.32
CA LYS A 860 -33.83 -25.21 2.54
C LYS A 860 -34.29 -24.35 3.73
N SER A 861 -33.55 -24.39 4.83
CA SER A 861 -33.89 -23.62 6.03
C SER A 861 -33.76 -22.09 5.85
N LYS A 862 -32.82 -21.67 5.01
CA LYS A 862 -32.59 -20.24 4.75
C LYS A 862 -33.33 -19.70 3.51
N ASN A 863 -33.91 -20.60 2.70
CA ASN A 863 -34.74 -20.24 1.55
C ASN A 863 -35.95 -21.19 1.40
N PRO A 864 -37.02 -20.97 2.20
CA PRO A 864 -38.16 -21.90 2.19
C PRO A 864 -39.05 -21.77 0.95
N GLY A 865 -39.60 -22.90 0.48
CA GLY A 865 -40.56 -22.91 -0.62
C GLY A 865 -40.00 -22.44 -1.96
N GLU A 866 -40.51 -21.31 -2.45
CA GLU A 866 -40.15 -20.79 -3.77
C GLU A 866 -38.76 -20.17 -3.84
N ALA A 867 -38.26 -19.66 -2.70
CA ALA A 867 -36.95 -19.00 -2.63
C ALA A 867 -35.74 -19.93 -2.84
N LEU A 868 -35.96 -21.24 -2.72
CA LEU A 868 -34.89 -22.23 -2.95
C LEU A 868 -34.38 -22.25 -4.39
N ASP A 869 -35.30 -22.14 -5.34
CA ASP A 869 -34.96 -22.06 -6.78
C ASP A 869 -34.03 -20.88 -7.09
N ARG A 870 -34.25 -19.74 -6.43
CA ARG A 870 -33.36 -18.59 -6.50
C ARG A 870 -32.03 -18.93 -5.85
N ALA A 871 -32.09 -19.51 -4.65
CA ALA A 871 -30.91 -19.89 -3.88
C ALA A 871 -29.97 -20.86 -4.63
N ILE A 872 -30.55 -21.82 -5.35
CA ILE A 872 -29.79 -22.72 -6.22
C ILE A 872 -29.14 -21.96 -7.41
N GLU A 873 -29.88 -21.01 -7.98
CA GLU A 873 -29.37 -20.18 -9.08
C GLU A 873 -28.21 -19.28 -8.61
N GLU A 874 -28.35 -18.69 -7.43
CA GLU A 874 -27.27 -17.92 -6.81
C GLU A 874 -26.02 -18.78 -6.63
N PHE A 875 -26.21 -20.02 -6.20
CA PHE A 875 -25.11 -20.97 -5.99
C PHE A 875 -24.43 -21.37 -7.28
N THR A 876 -25.23 -21.73 -8.28
CA THR A 876 -24.72 -22.11 -9.61
C THR A 876 -23.92 -20.98 -10.24
N LEU A 877 -24.53 -19.78 -10.29
CA LEU A 877 -23.88 -18.60 -10.87
C LEU A 877 -22.59 -18.25 -10.12
N SER A 878 -22.67 -18.23 -8.79
CA SER A 878 -21.53 -17.86 -7.95
C SER A 878 -20.41 -18.88 -7.99
N CYS A 879 -20.77 -20.17 -7.98
CA CYS A 879 -19.77 -21.24 -8.08
C CYS A 879 -19.01 -21.19 -9.41
N ALA A 880 -19.70 -20.81 -10.48
CA ALA A 880 -19.08 -20.73 -11.81
C ALA A 880 -17.96 -19.70 -11.82
N GLY A 881 -18.29 -18.49 -11.37
CA GLY A 881 -17.32 -17.38 -11.30
C GLY A 881 -16.13 -17.67 -10.41
N TYR A 882 -16.38 -18.23 -9.23
CA TYR A 882 -15.29 -18.57 -8.31
C TYR A 882 -14.50 -19.80 -8.78
N CYS A 883 -15.11 -20.67 -9.58
CA CYS A 883 -14.37 -21.76 -10.23
C CYS A 883 -13.39 -21.22 -11.27
N VAL A 884 -13.86 -20.30 -12.11
CA VAL A 884 -13.04 -19.71 -13.17
C VAL A 884 -11.97 -18.78 -12.57
N ALA A 885 -12.41 -17.87 -11.70
CA ALA A 885 -11.49 -16.98 -10.97
C ALA A 885 -10.31 -17.74 -10.39
N THR A 886 -10.59 -18.74 -9.55
CA THR A 886 -9.53 -19.49 -8.87
C THR A 886 -8.62 -20.28 -9.82
N TYR A 887 -9.17 -20.73 -10.95
CA TYR A 887 -8.37 -21.38 -12.00
C TYR A 887 -7.42 -20.38 -12.64
N VAL A 888 -7.95 -19.24 -13.03
CA VAL A 888 -7.22 -18.26 -13.83
C VAL A 888 -6.08 -17.64 -13.01
N LEU A 889 -6.41 -17.15 -11.81
CA LEU A 889 -5.40 -16.57 -10.90
C LEU A 889 -4.44 -17.63 -10.31
N GLY A 890 -4.81 -18.91 -10.39
CA GLY A 890 -3.93 -19.99 -9.98
C GLY A 890 -3.88 -20.17 -8.48
N ILE A 891 -5.05 -20.16 -7.85
CA ILE A 891 -5.18 -20.21 -6.39
C ILE A 891 -5.51 -21.64 -5.97
N GLY A 892 -4.57 -22.28 -5.28
CA GLY A 892 -4.76 -23.64 -4.76
C GLY A 892 -5.27 -23.67 -3.33
N ASP A 893 -5.07 -24.83 -2.68
CA ASP A 893 -5.41 -25.04 -1.27
C ASP A 893 -6.89 -24.73 -0.94
N ARG A 894 -7.78 -24.92 -1.93
CA ARG A 894 -9.20 -24.68 -1.78
C ARG A 894 -9.84 -25.88 -1.13
N HIS A 895 -10.54 -25.67 -0.02
CA HIS A 895 -11.11 -26.75 0.78
C HIS A 895 -12.31 -26.29 1.56
N SER A 896 -12.99 -27.22 2.24
CA SER A 896 -14.24 -26.95 2.94
C SER A 896 -14.19 -25.78 3.93
N ASP A 897 -13.14 -25.72 4.75
CA ASP A 897 -13.02 -24.64 5.76
C ASP A 897 -12.33 -23.35 5.28
N ASN A 898 -12.23 -23.13 3.97
CA ASN A 898 -11.95 -21.80 3.39
C ASN A 898 -12.80 -21.46 2.13
N ILE A 899 -13.98 -22.08 2.04
CA ILE A 899 -15.01 -21.76 1.05
C ILE A 899 -16.32 -21.57 1.81
N MET A 900 -17.05 -20.48 1.52
CA MET A 900 -18.23 -20.08 2.31
C MET A 900 -19.51 -19.93 1.48
N ILE A 901 -20.66 -20.33 2.05
CA ILE A 901 -21.98 -20.11 1.44
C ILE A 901 -22.60 -18.91 2.14
N ARG A 902 -23.53 -18.24 1.45
CA ARG A 902 -24.39 -17.23 2.07
C ARG A 902 -25.81 -17.76 2.18
N GLU A 903 -26.59 -17.20 3.10
CA GLU A 903 -28.01 -17.56 3.24
C GLU A 903 -28.80 -17.34 1.95
N SER A 904 -28.42 -16.30 1.20
CA SER A 904 -28.94 -16.08 -0.16
C SER A 904 -28.64 -17.24 -1.11
N GLY A 905 -27.57 -17.97 -0.83
CA GLY A 905 -27.16 -19.15 -1.59
C GLY A 905 -25.95 -18.90 -2.47
N GLN A 906 -25.07 -17.98 -2.07
CA GLN A 906 -23.92 -17.58 -2.87
C GLN A 906 -22.65 -18.22 -2.32
N LEU A 907 -22.01 -19.07 -3.13
CA LEU A 907 -20.70 -19.61 -2.78
C LEU A 907 -19.68 -18.49 -2.92
N PHE A 908 -18.82 -18.32 -1.93
CA PHE A 908 -17.69 -17.40 -2.02
C PHE A 908 -16.48 -17.90 -1.24
N HIS A 909 -15.31 -17.44 -1.65
CA HIS A 909 -14.03 -17.94 -1.17
C HIS A 909 -13.39 -16.94 -0.25
N ILE A 910 -12.63 -17.44 0.74
CA ILE A 910 -11.92 -16.60 1.71
C ILE A 910 -10.45 -17.02 1.86
N ASP A 911 -9.61 -16.07 2.28
CA ASP A 911 -8.23 -16.31 2.68
C ASP A 911 -7.38 -16.89 1.53
N PHE A 912 -7.06 -16.03 0.57
CA PHE A 912 -6.33 -16.42 -0.63
C PHE A 912 -4.82 -16.27 -0.40
N GLY A 913 -4.31 -16.97 0.60
CA GLY A 913 -2.90 -16.87 0.98
C GLY A 913 -1.91 -17.07 -0.16
N HIS A 914 -2.28 -17.96 -1.09
CA HIS A 914 -1.43 -18.33 -2.22
C HIS A 914 -2.08 -18.05 -3.55
N PHE A 915 -1.30 -17.72 -4.57
CA PHE A 915 -1.79 -17.63 -5.97
C PHE A 915 -0.72 -17.83 -7.04
N LEU A 916 -1.13 -17.89 -8.30
CA LEU A 916 -0.24 -18.19 -9.44
C LEU A 916 0.57 -19.52 -9.31
N GLY A 917 -0.06 -20.53 -8.71
CA GLY A 917 0.53 -21.87 -8.60
C GLY A 917 1.36 -22.12 -7.34
N ASN A 918 1.70 -21.07 -6.60
CA ASN A 918 2.58 -21.19 -5.44
C ASN A 918 1.87 -21.80 -4.22
N PHE A 919 2.64 -22.14 -3.19
CA PHE A 919 2.12 -22.78 -1.97
C PHE A 919 3.15 -22.69 -0.85
N ASN A 926 3.50 -27.68 -4.70
CA ASN A 926 4.69 -26.83 -4.78
C ASN A 926 4.97 -26.39 -6.23
N ARG A 927 4.46 -25.20 -6.59
CA ARG A 927 4.75 -24.52 -7.87
C ARG A 927 4.08 -25.11 -9.14
N GLU A 928 3.36 -26.23 -9.02
CA GLU A 928 2.69 -26.87 -10.16
C GLU A 928 1.43 -26.10 -10.55
N ARG A 929 0.97 -26.28 -11.79
CA ARG A 929 -0.29 -25.66 -12.26
C ARG A 929 -1.49 -26.20 -11.49
N VAL A 930 -2.32 -25.29 -10.99
CA VAL A 930 -3.57 -25.68 -10.31
C VAL A 930 -4.60 -26.08 -11.37
N PRO A 931 -5.04 -27.36 -11.36
CA PRO A 931 -6.03 -27.76 -12.34
C PRO A 931 -7.38 -27.14 -12.06
N PHE A 932 -8.24 -27.09 -13.07
CA PHE A 932 -9.64 -26.70 -12.87
C PHE A 932 -10.27 -27.71 -11.92
N ILE A 933 -11.07 -27.21 -10.97
CA ILE A 933 -11.61 -28.02 -9.89
C ILE A 933 -13.13 -27.87 -9.80
N LEU A 934 -13.82 -28.98 -10.01
CA LEU A 934 -15.22 -29.14 -9.63
C LEU A 934 -15.26 -30.03 -8.39
N THR A 935 -16.02 -29.62 -7.38
CA THR A 935 -16.34 -30.48 -6.24
C THR A 935 -17.66 -31.19 -6.52
N TYR A 936 -17.77 -32.45 -6.10
CA TYR A 936 -19.04 -33.19 -6.23
C TYR A 936 -20.14 -32.49 -5.45
N ASP A 937 -19.84 -32.16 -4.20
CA ASP A 937 -20.80 -31.49 -3.29
C ASP A 937 -21.51 -30.30 -3.95
N PHE A 938 -20.74 -29.51 -4.70
CA PHE A 938 -21.27 -28.32 -5.37
C PHE A 938 -22.04 -28.70 -6.65
N VAL A 939 -21.56 -29.70 -7.39
CA VAL A 939 -22.28 -30.20 -8.58
C VAL A 939 -23.64 -30.78 -8.20
N HIS A 940 -23.70 -31.46 -7.05
CA HIS A 940 -24.94 -32.04 -6.52
C HIS A 940 -25.99 -31.00 -6.22
N VAL A 941 -25.55 -29.86 -5.69
CA VAL A 941 -26.45 -28.73 -5.41
C VAL A 941 -26.89 -28.05 -6.70
N ILE A 942 -25.94 -27.83 -7.61
CA ILE A 942 -26.20 -27.30 -8.96
C ILE A 942 -27.27 -28.11 -9.70
N GLN A 943 -27.17 -29.44 -9.63
CA GLN A 943 -28.13 -30.36 -10.26
C GLN A 943 -29.46 -30.54 -9.49
N GLN A 944 -29.65 -29.77 -8.40
CA GLN A 944 -30.89 -29.76 -7.61
C GLN A 944 -31.18 -31.11 -6.93
N GLY A 945 -30.12 -31.78 -6.45
CA GLY A 945 -30.24 -33.07 -5.79
C GLY A 945 -30.26 -34.30 -6.68
N LYS A 946 -30.58 -34.13 -7.97
CA LYS A 946 -30.70 -35.23 -8.91
C LYS A 946 -29.32 -35.74 -9.33
N THR A 947 -29.23 -37.04 -9.60
CA THR A 947 -27.98 -37.66 -10.06
C THR A 947 -27.64 -37.19 -11.47
N ASN A 948 -28.66 -37.15 -12.34
CA ASN A 948 -28.54 -36.58 -13.69
C ASN A 948 -29.57 -35.47 -13.93
N ASN A 949 -29.06 -34.26 -14.15
CA ASN A 949 -29.86 -33.11 -14.52
C ASN A 949 -29.02 -32.29 -15.50
N SER A 950 -28.91 -32.80 -16.72
CA SER A 950 -28.01 -32.23 -17.72
C SER A 950 -28.47 -30.87 -18.23
N GLU A 951 -29.78 -30.64 -18.27
CA GLU A 951 -30.35 -29.33 -18.63
C GLU A 951 -29.77 -28.24 -17.74
N LYS A 952 -29.86 -28.45 -16.43
CA LYS A 952 -29.35 -27.50 -15.44
C LYS A 952 -27.83 -27.48 -15.40
N PHE A 953 -27.19 -28.62 -15.66
CA PHE A 953 -25.71 -28.71 -15.62
C PHE A 953 -25.03 -28.04 -16.82
N GLU A 954 -25.65 -28.13 -18.00
CA GLU A 954 -25.21 -27.39 -19.20
C GLU A 954 -25.21 -25.87 -18.98
N ARG A 955 -26.23 -25.35 -18.30
CA ARG A 955 -26.29 -23.94 -17.90
C ARG A 955 -25.03 -23.53 -17.13
N PHE A 956 -24.67 -24.36 -16.15
CA PHE A 956 -23.47 -24.13 -15.35
C PHE A 956 -22.20 -24.21 -16.18
N ARG A 957 -22.15 -25.17 -17.11
CA ARG A 957 -21.01 -25.29 -18.03
C ARG A 957 -20.90 -24.04 -18.91
N GLY A 958 -22.03 -23.52 -19.36
CA GLY A 958 -22.08 -22.28 -20.13
C GLY A 958 -21.62 -21.07 -19.34
N TYR A 959 -22.02 -21.00 -18.08
CA TYR A 959 -21.59 -19.91 -17.18
C TYR A 959 -20.08 -19.88 -17.01
N CYS A 960 -19.48 -21.04 -16.83
CA CYS A 960 -18.03 -21.18 -16.75
C CYS A 960 -17.36 -20.77 -18.06
N GLU A 961 -17.83 -21.35 -19.17
CA GLU A 961 -17.28 -21.08 -20.52
C GLU A 961 -17.41 -19.62 -20.94
N ARG A 962 -18.56 -19.02 -20.66
CA ARG A 962 -18.78 -17.61 -20.98
C ARG A 962 -17.82 -16.76 -20.15
N ALA A 963 -17.76 -17.03 -18.85
CA ALA A 963 -16.84 -16.35 -17.93
C ALA A 963 -15.41 -16.35 -18.47
N TYR A 964 -14.84 -17.55 -18.62
CA TYR A 964 -13.46 -17.72 -19.06
C TYR A 964 -13.16 -16.97 -20.36
N THR A 965 -14.08 -17.07 -21.33
CA THR A 965 -13.94 -16.39 -22.63
C THR A 965 -13.81 -14.87 -22.49
N ILE A 966 -14.59 -14.29 -21.59
CA ILE A 966 -14.60 -12.84 -21.37
C ILE A 966 -13.27 -12.34 -20.80
N LEU A 967 -12.72 -13.09 -19.85
CA LEU A 967 -11.41 -12.75 -19.27
C LEU A 967 -10.29 -12.79 -20.30
N ARG A 968 -10.33 -13.77 -21.21
CA ARG A 968 -9.38 -13.83 -22.33
C ARG A 968 -9.43 -12.59 -23.19
N ARG A 969 -10.64 -12.12 -23.52
CA ARG A 969 -10.81 -10.86 -24.27
C ARG A 969 -10.11 -9.66 -23.62
N HIS A 970 -9.94 -9.70 -22.29
CA HIS A 970 -9.17 -8.69 -21.56
C HIS A 970 -7.94 -9.27 -20.90
N GLY A 971 -7.27 -10.18 -21.61
CA GLY A 971 -6.07 -10.85 -21.07
C GLY A 971 -4.90 -9.91 -20.83
N LEU A 972 -4.61 -9.04 -21.81
CA LEU A 972 -3.54 -8.06 -21.69
C LEU A 972 -3.68 -7.13 -20.47
N LEU A 973 -4.91 -6.72 -20.15
CA LEU A 973 -5.17 -5.92 -18.95
C LEU A 973 -4.67 -6.64 -17.70
N PHE A 974 -5.06 -7.91 -17.56
CA PHE A 974 -4.55 -8.72 -16.45
C PHE A 974 -3.03 -8.84 -16.47
N LEU A 975 -2.43 -9.08 -17.63
CA LEU A 975 -0.97 -9.22 -17.70
C LEU A 975 -0.26 -7.91 -17.32
N HIS A 976 -0.72 -6.79 -17.88
CA HIS A 976 -0.11 -5.48 -17.59
C HIS A 976 -0.24 -5.14 -16.14
N LEU A 977 -1.45 -5.28 -15.58
CA LEU A 977 -1.68 -5.00 -14.17
C LEU A 977 -0.75 -5.82 -13.27
N PHE A 978 -0.74 -7.14 -13.50
CA PHE A 978 0.16 -8.03 -12.75
C PHE A 978 1.64 -7.71 -12.96
N ALA A 979 2.00 -7.26 -14.18
CA ALA A 979 3.36 -6.80 -14.47
C ALA A 979 3.79 -5.61 -13.62
N LEU A 980 2.87 -4.69 -13.31
CA LEU A 980 3.18 -3.54 -12.45
C LEU A 980 3.29 -3.97 -10.99
N MET A 981 2.42 -4.88 -10.55
CA MET A 981 2.47 -5.46 -9.18
C MET A 981 3.80 -6.10 -8.79
N ARG A 982 4.61 -6.45 -9.78
CA ARG A 982 5.98 -6.90 -9.52
C ARG A 982 6.75 -5.88 -8.67
N ALA A 983 6.44 -4.60 -8.84
CA ALA A 983 6.94 -3.52 -7.97
C ALA A 983 6.71 -3.79 -6.48
N ALA A 984 5.55 -4.35 -6.14
CA ALA A 984 5.14 -4.55 -4.74
C ALA A 984 6.02 -5.52 -3.93
N GLY A 985 6.86 -6.31 -4.61
CA GLY A 985 7.76 -7.23 -3.94
C GLY A 985 7.07 -8.40 -3.25
N LEU A 986 5.94 -8.84 -3.79
CA LEU A 986 5.25 -10.03 -3.27
C LEU A 986 6.04 -11.28 -3.71
N PRO A 987 6.35 -12.20 -2.75
CA PRO A 987 7.08 -13.43 -3.08
C PRO A 987 6.50 -14.20 -4.29
N GLU A 988 5.17 -14.36 -4.29
CA GLU A 988 4.47 -15.16 -5.29
C GLU A 988 4.24 -14.43 -6.62
N LEU A 989 4.52 -13.13 -6.64
CA LEU A 989 4.52 -12.35 -7.88
C LEU A 989 5.82 -11.55 -7.96
N SER A 990 6.87 -12.21 -8.46
CA SER A 990 8.22 -11.66 -8.48
C SER A 990 8.96 -11.77 -9.81
N CYS A 991 8.42 -12.47 -10.82
CA CYS A 991 9.17 -12.75 -12.05
C CYS A 991 8.28 -13.12 -13.25
N SER A 992 8.91 -13.26 -14.41
CA SER A 992 8.24 -13.58 -15.68
C SER A 992 7.38 -14.85 -15.66
N LYS A 993 7.89 -15.91 -15.02
CA LYS A 993 7.15 -17.17 -14.81
C LYS A 993 5.81 -16.94 -14.11
N ASP A 994 5.84 -16.13 -13.06
CA ASP A 994 4.63 -15.81 -12.31
C ASP A 994 3.61 -15.09 -13.21
N ILE A 995 4.11 -14.26 -14.12
CA ILE A 995 3.25 -13.61 -15.14
C ILE A 995 2.87 -14.61 -16.23
N GLN A 996 3.84 -15.44 -16.63
CA GLN A 996 3.60 -16.48 -17.64
C GLN A 996 2.45 -17.39 -17.21
N TYR A 997 2.36 -17.65 -15.90
CA TYR A 997 1.25 -18.44 -15.36
C TYR A 997 -0.09 -17.93 -15.85
N LEU A 998 -0.31 -16.61 -15.71
CA LEU A 998 -1.53 -15.99 -16.22
C LEU A 998 -1.66 -16.16 -17.73
N LYS A 999 -0.55 -16.03 -18.48
CA LYS A 999 -0.59 -16.18 -19.95
C LYS A 999 -1.15 -17.55 -20.35
N ASP A 1000 -0.57 -18.60 -19.75
CA ASP A 1000 -0.96 -19.98 -20.06
C ASP A 1000 -2.35 -20.33 -19.54
N SER A 1001 -2.67 -19.95 -18.31
CA SER A 1001 -3.99 -20.22 -17.73
C SER A 1001 -5.12 -19.60 -18.56
N LEU A 1002 -4.86 -18.41 -19.12
CA LEU A 1002 -5.77 -17.74 -20.05
C LEU A 1002 -5.55 -18.14 -21.52
N ALA A 1003 -4.57 -19.00 -21.79
CA ALA A 1003 -4.32 -19.48 -23.16
C ALA A 1003 -4.22 -18.33 -24.18
N LEU A 1004 -3.52 -17.26 -23.80
CA LEU A 1004 -3.37 -16.08 -24.66
C LEU A 1004 -2.52 -16.35 -25.91
N GLY A 1005 -1.63 -17.35 -25.83
CA GLY A 1005 -0.88 -17.81 -26.99
C GLY A 1005 -1.70 -18.55 -28.04
N LYS A 1006 -2.90 -19.02 -27.66
CA LYS A 1006 -3.79 -19.77 -28.56
C LYS A 1006 -4.92 -18.88 -29.08
N THR A 1007 -5.56 -19.34 -30.15
CA THR A 1007 -6.76 -18.69 -30.69
C THR A 1007 -7.95 -18.97 -29.78
N GLU A 1008 -9.01 -18.19 -29.94
CA GLU A 1008 -10.19 -18.28 -29.08
C GLU A 1008 -10.90 -19.63 -29.19
N GLU A 1009 -10.97 -20.19 -30.40
CA GLU A 1009 -11.51 -21.53 -30.63
C GLU A 1009 -10.65 -22.58 -29.92
N GLU A 1010 -9.34 -22.54 -30.19
CA GLU A 1010 -8.37 -23.45 -29.59
C GLU A 1010 -8.32 -23.37 -28.07
N ALA A 1011 -8.39 -22.14 -27.55
CA ALA A 1011 -8.44 -21.91 -26.10
C ALA A 1011 -9.66 -22.61 -25.48
N LEU A 1012 -10.82 -22.43 -26.12
CA LEU A 1012 -12.09 -22.88 -25.56
C LEU A 1012 -12.29 -24.40 -25.64
N LYS A 1013 -11.71 -25.07 -26.63
CA LYS A 1013 -11.72 -26.54 -26.66
C LYS A 1013 -10.75 -27.14 -25.64
N HIS A 1014 -9.70 -26.40 -25.28
CA HIS A 1014 -8.82 -26.81 -24.17
C HIS A 1014 -9.47 -26.65 -22.82
N PHE A 1015 -10.28 -25.60 -22.67
CA PHE A 1015 -11.05 -25.39 -21.44
C PHE A 1015 -12.08 -26.49 -21.19
N ARG A 1016 -12.69 -27.01 -22.26
CA ARG A 1016 -13.64 -28.13 -22.13
C ARG A 1016 -12.98 -29.41 -21.65
N VAL A 1017 -11.77 -29.68 -22.13
CA VAL A 1017 -11.01 -30.87 -21.70
C VAL A 1017 -10.67 -30.78 -20.21
N LYS A 1018 -10.29 -29.59 -19.76
CA LYS A 1018 -10.04 -29.31 -18.34
C LYS A 1018 -11.32 -29.52 -17.53
N PHE A 1019 -12.42 -28.93 -18.01
CA PHE A 1019 -13.74 -29.06 -17.38
C PHE A 1019 -14.13 -30.53 -17.24
N ASN A 1020 -14.12 -31.24 -18.36
CA ASN A 1020 -14.47 -32.66 -18.40
C ASN A 1020 -13.62 -33.51 -17.45
N GLU A 1021 -12.31 -33.24 -17.43
CA GLU A 1021 -11.41 -33.98 -16.56
C GLU A 1021 -11.56 -33.60 -15.08
N ALA A 1022 -11.94 -32.36 -14.79
CA ALA A 1022 -12.34 -31.95 -13.44
C ALA A 1022 -13.63 -32.66 -13.00
N LEU A 1023 -14.52 -32.92 -13.95
CA LEU A 1023 -15.76 -33.66 -13.69
C LEU A 1023 -15.51 -35.14 -13.39
N ARG A 1024 -14.59 -35.76 -14.14
CA ARG A 1024 -14.17 -37.15 -13.87
C ARG A 1024 -13.43 -37.26 -12.54
N GLU A 1025 -12.60 -36.26 -12.25
CA GLU A 1025 -11.86 -36.19 -10.98
C GLU A 1025 -12.79 -35.96 -9.78
N SER A 1026 -13.90 -35.25 -10.00
CA SER A 1026 -14.88 -34.94 -8.94
C SER A 1026 -15.39 -36.18 -8.21
N TRP A 1027 -15.72 -37.23 -8.98
CA TRP A 1027 -16.15 -38.52 -8.42
C TRP A 1027 -15.06 -39.21 -7.64
N LYS A 1028 -13.88 -39.30 -8.24
CA LYS A 1028 -12.74 -40.01 -7.65
C LYS A 1028 -12.25 -39.42 -6.32
N THR A 1029 -12.46 -38.12 -6.11
CA THR A 1029 -12.09 -37.45 -4.85
C THR A 1029 -13.02 -37.83 -3.70
N LYS A 1030 -14.33 -37.83 -3.94
CA LYS A 1030 -15.33 -38.12 -2.89
C LYS A 1030 -15.55 -39.62 -2.61
N VAL A 1031 -15.17 -40.49 -3.55
CA VAL A 1031 -15.18 -41.96 -3.31
C VAL A 1031 -14.06 -42.36 -2.33
N ASN A 1032 -12.91 -41.67 -2.42
CA ASN A 1032 -11.81 -41.84 -1.45
C ASN A 1032 -12.13 -41.26 -0.06
N TRP A 1033 -12.95 -40.20 -0.01
CA TRP A 1033 -13.35 -39.52 1.23
C TRP A 1033 -14.19 -40.43 2.12
N LEU A 1034 -13.72 -40.64 3.36
CA LEU A 1034 -14.40 -41.51 4.33
C LEU A 1034 -14.98 -40.68 5.48
N TYR B 1 32.60 -32.36 -26.38
CA TYR B 1 33.84 -31.95 -25.65
C TYR B 1 33.54 -31.63 -24.18
N GLN B 2 34.60 -31.39 -23.40
CA GLN B 2 34.53 -31.27 -21.95
C GLN B 2 33.73 -30.05 -21.44
N GLN B 3 33.03 -30.25 -20.33
CA GLN B 3 32.31 -29.20 -19.62
C GLN B 3 32.40 -29.43 -18.12
N ASP B 4 32.59 -28.37 -17.35
CA ASP B 4 32.82 -28.47 -15.90
C ASP B 4 31.54 -28.84 -15.15
N GLN B 5 31.31 -30.15 -14.99
CA GLN B 5 30.17 -30.67 -14.22
C GLN B 5 30.57 -30.91 -12.77
N VAL B 6 29.82 -30.30 -11.85
CA VAL B 6 30.03 -30.49 -10.40
C VAL B 6 29.57 -31.91 -9.97
N VAL B 7 28.54 -32.43 -10.63
CA VAL B 7 27.96 -33.74 -10.29
C VAL B 7 28.85 -34.88 -10.82
N LYS B 8 29.35 -35.71 -9.93
CA LYS B 8 30.05 -36.96 -10.31
C LYS B 8 29.01 -38.02 -10.67
N GLU B 9 29.21 -38.70 -11.79
CA GLU B 9 28.21 -39.64 -12.33
C GLU B 9 28.25 -40.98 -11.63
N ASP B 10 27.18 -41.29 -10.89
CA ASP B 10 27.01 -42.58 -10.21
C ASP B 10 25.90 -43.38 -10.90
N ASN B 11 24.67 -42.88 -10.76
CA ASN B 11 23.44 -43.53 -11.23
C ASN B 11 22.24 -42.68 -10.79
N ILE B 12 21.05 -43.00 -11.28
CA ILE B 12 19.86 -42.18 -11.01
C ILE B 12 19.48 -42.18 -9.52
N GLU B 13 19.55 -43.34 -8.87
CA GLU B 13 19.23 -43.43 -7.44
C GLU B 13 20.27 -42.72 -6.56
N ALA B 14 21.54 -42.89 -6.87
CA ALA B 14 22.63 -42.23 -6.13
C ALA B 14 22.57 -40.70 -6.25
N VAL B 15 22.32 -40.21 -7.46
CA VAL B 15 22.22 -38.76 -7.72
C VAL B 15 20.95 -38.16 -7.10
N GLY B 16 19.83 -38.88 -7.22
CA GLY B 16 18.56 -38.48 -6.62
C GLY B 16 18.57 -38.43 -5.10
N LYS B 17 19.33 -39.34 -4.48
CA LYS B 17 19.54 -39.33 -3.04
C LYS B 17 20.26 -38.05 -2.58
N LYS B 18 21.24 -37.61 -3.35
CA LYS B 18 21.98 -36.37 -3.06
C LYS B 18 21.14 -35.11 -3.35
N LEU B 19 20.19 -35.20 -4.29
CA LEU B 19 19.24 -34.10 -4.55
C LEU B 19 18.35 -33.88 -3.33
N HIS B 20 17.84 -34.96 -2.74
CA HIS B 20 17.03 -34.87 -1.52
C HIS B 20 17.81 -34.27 -0.40
N GLU B 21 19.06 -34.74 -0.22
CA GLU B 21 19.96 -34.21 0.80
C GLU B 21 20.26 -32.72 0.59
N TYR B 22 20.71 -32.35 -0.61
CA TYR B 22 21.05 -30.94 -0.89
C TYR B 22 19.83 -30.01 -0.83
N ASN B 23 18.65 -30.51 -1.22
CA ASN B 23 17.39 -29.75 -1.08
C ASN B 23 16.99 -29.55 0.37
N THR B 24 17.07 -30.61 1.17
CA THR B 24 16.80 -30.54 2.62
C THR B 24 17.72 -29.53 3.31
N GLN B 25 19.00 -29.55 2.94
CA GLN B 25 19.97 -28.58 3.46
C GLN B 25 19.71 -27.15 2.97
N PHE B 26 19.18 -27.01 1.76
CA PHE B 26 18.88 -25.70 1.18
C PHE B 26 17.68 -25.04 1.86
N GLN B 27 16.60 -25.80 2.02
CA GLN B 27 15.40 -25.33 2.73
C GLN B 27 15.70 -24.97 4.18
N GLU B 28 16.57 -25.74 4.84
CA GLU B 28 16.98 -25.46 6.24
C GLU B 28 17.82 -24.18 6.37
N LYS B 29 18.74 -23.97 5.44
CA LYS B 29 19.54 -22.73 5.39
C LYS B 29 18.69 -21.52 4.95
N SER B 30 17.71 -21.75 4.08
CA SER B 30 16.75 -20.70 3.72
C SER B 30 15.90 -20.28 4.92
N ARG B 31 15.51 -21.25 5.77
CA ARG B 31 14.85 -20.93 7.04
C ARG B 31 15.75 -20.11 7.96
N GLU B 32 17.03 -20.45 8.01
CA GLU B 32 18.00 -19.77 8.87
C GLU B 32 18.17 -18.30 8.48
N TYR B 33 18.39 -18.05 7.19
CA TYR B 33 18.53 -16.69 6.68
C TYR B 33 17.28 -15.85 6.90
N ASP B 34 16.11 -16.45 6.62
CA ASP B 34 14.82 -15.78 6.83
C ASP B 34 14.57 -15.42 8.30
N ARG B 35 14.98 -16.31 9.22
CA ARG B 35 14.94 -16.02 10.66
C ARG B 35 15.79 -14.80 11.02
N LEU B 36 16.99 -14.72 10.45
CA LEU B 36 17.88 -13.57 10.66
C LEU B 36 17.33 -12.30 10.02
N TYR B 37 16.79 -12.40 8.81
CA TYR B 37 16.28 -11.22 8.10
C TYR B 37 15.09 -10.56 8.81
N GLU B 38 14.33 -11.33 9.59
CA GLU B 38 13.33 -10.77 10.52
C GLU B 38 14.04 -9.94 11.59
N ASP B 39 15.02 -10.56 12.25
CA ASP B 39 15.80 -9.88 13.30
C ASP B 39 16.51 -8.64 12.76
N TYR B 40 16.99 -8.72 11.52
CA TYR B 40 17.53 -7.56 10.80
C TYR B 40 16.50 -6.44 10.70
N THR B 41 15.34 -6.75 10.11
CA THR B 41 14.32 -5.73 9.86
C THR B 41 13.74 -5.21 11.18
N ARG B 42 13.40 -6.13 12.09
CA ARG B 42 12.89 -5.77 13.41
C ARG B 42 13.85 -4.83 14.16
N THR B 43 15.13 -5.17 14.15
CA THR B 43 16.15 -4.33 14.78
C THR B 43 16.27 -2.98 14.07
N SER B 44 16.16 -2.97 12.74
CA SER B 44 16.20 -1.72 11.96
C SER B 44 15.05 -0.78 12.33
N GLN B 45 13.87 -1.35 12.59
CA GLN B 45 12.73 -0.58 13.11
C GLN B 45 13.01 -0.10 14.53
N GLU B 46 13.44 -1.02 15.40
CA GLU B 46 13.70 -0.70 16.82
C GLU B 46 14.78 0.37 17.03
N ILE B 47 15.85 0.30 16.25
CA ILE B 47 16.90 1.33 16.26
C ILE B 47 16.35 2.69 15.81
N GLN B 48 15.49 2.70 14.79
CA GLN B 48 14.92 3.95 14.28
C GLN B 48 13.92 4.57 15.26
N MET B 49 13.15 3.73 15.94
CA MET B 49 12.33 4.16 17.07
C MET B 49 13.22 4.83 18.11
N LYS B 50 14.24 4.09 18.57
CA LYS B 50 15.20 4.59 19.57
C LYS B 50 15.84 5.92 19.14
N ARG B 51 16.17 6.04 17.86
CA ARG B 51 16.81 7.24 17.33
C ARG B 51 15.90 8.48 17.39
N THR B 52 14.59 8.29 17.18
CA THR B 52 13.61 9.40 17.34
C THR B 52 13.22 9.65 18.80
N ALA B 53 13.24 8.61 19.63
CA ALA B 53 13.07 8.76 21.09
C ALA B 53 14.18 9.64 21.68
N ILE B 54 15.40 9.47 21.19
CA ILE B 54 16.53 10.36 21.52
C ILE B 54 16.25 11.80 21.08
N GLU B 55 15.66 11.96 19.89
CA GLU B 55 15.28 13.29 19.39
C GLU B 55 14.21 13.94 20.26
N ALA B 56 13.25 13.15 20.73
CA ALA B 56 12.19 13.65 21.62
C ALA B 56 12.75 14.10 22.98
N PHE B 57 13.73 13.35 23.49
CA PHE B 57 14.45 13.74 24.70
C PHE B 57 15.20 15.06 24.49
N ASN B 58 15.81 15.21 23.32
CA ASN B 58 16.51 16.44 22.96
C ASN B 58 15.56 17.62 22.99
N GLU B 59 14.42 17.45 22.33
CA GLU B 59 13.43 18.52 22.21
C GLU B 59 12.80 18.88 23.56
N THR B 60 12.50 17.85 24.37
CA THR B 60 11.98 18.07 25.74
C THR B 60 13.02 18.83 26.57
N ILE B 61 14.27 18.36 26.55
CA ILE B 61 15.36 19.07 27.22
C ILE B 61 15.48 20.52 26.74
N LYS B 62 15.39 20.71 25.43
CA LYS B 62 15.37 22.07 24.84
C LYS B 62 14.31 22.95 25.54
N ILE B 63 13.09 22.43 25.64
CA ILE B 63 11.96 23.11 26.33
C ILE B 63 12.31 23.45 27.79
N PHE B 64 12.95 22.53 28.49
CA PHE B 64 13.44 22.81 29.84
C PHE B 64 14.50 23.89 29.86
N GLU B 65 15.41 23.86 28.89
CA GLU B 65 16.48 24.87 28.80
C GLU B 65 15.90 26.26 28.52
N GLU B 66 14.87 26.33 27.67
CA GLU B 66 14.11 27.57 27.43
C GLU B 66 13.44 28.10 28.70
N GLN B 67 12.88 27.20 29.51
CA GLN B 67 12.31 27.58 30.81
C GLN B 67 13.37 28.21 31.73
N CYS B 68 14.56 27.63 31.77
CA CYS B 68 15.64 28.19 32.58
C CYS B 68 16.01 29.60 32.11
N GLN B 69 16.07 29.79 30.79
CA GLN B 69 16.34 31.12 30.22
C GLN B 69 15.30 32.14 30.71
N THR B 70 14.01 31.78 30.59
CA THR B 70 12.90 32.64 31.01
C THR B 70 13.01 33.01 32.48
N GLN B 71 13.12 31.99 33.34
CA GLN B 71 13.22 32.18 34.79
C GLN B 71 14.29 33.20 35.19
N GLU B 72 15.49 33.05 34.62
CA GLU B 72 16.60 33.95 34.92
C GLU B 72 16.35 35.38 34.41
N ARG B 73 15.82 35.49 33.19
CA ARG B 73 15.45 36.78 32.60
C ARG B 73 14.26 37.42 33.32
N TYR B 74 13.27 36.60 33.70
CA TYR B 74 12.04 37.09 34.32
C TYR B 74 12.23 37.43 35.79
N SER B 75 12.98 36.61 36.53
CA SER B 75 13.22 36.82 37.96
C SER B 75 13.92 38.14 38.29
N LYS B 76 14.75 38.63 37.37
CA LYS B 76 15.51 39.89 37.55
C LYS B 76 14.65 41.07 38.04
N GLU B 77 13.44 41.20 37.48
CA GLU B 77 12.51 42.28 37.83
C GLU B 77 11.91 42.12 39.24
N TYR B 78 11.38 40.94 39.54
CA TYR B 78 10.69 40.65 40.82
C TYR B 78 11.61 40.10 41.93
N ILE B 79 12.91 40.38 41.86
CA ILE B 79 13.85 40.14 42.96
C ILE B 79 14.40 41.46 43.52
N GLU B 80 14.68 42.44 42.65
CA GLU B 80 15.04 43.79 43.08
C GLU B 80 13.88 44.48 43.82
N LYS B 81 12.69 44.39 43.24
CA LYS B 81 11.46 44.95 43.84
C LYS B 81 10.94 44.14 45.05
N PHE B 82 11.51 42.95 45.26
CA PHE B 82 11.20 42.08 46.41
C PHE B 82 12.27 42.15 47.52
N LYS B 83 13.54 42.39 47.14
CA LYS B 83 14.64 42.55 48.11
C LYS B 83 14.41 43.81 48.96
N ARG B 84 14.28 44.96 48.28
CA ARG B 84 13.65 46.13 48.89
C ARG B 84 12.15 45.85 48.91
N GLU B 85 11.44 46.48 49.84
CA GLU B 85 10.02 46.17 50.13
C GLU B 85 9.82 44.81 50.81
N GLY B 86 10.83 44.32 51.54
CA GLY B 86 10.67 43.27 52.54
C GLY B 86 10.71 41.81 52.12
N ASN B 87 10.15 41.49 50.95
CA ASN B 87 9.84 40.09 50.58
C ASN B 87 11.05 39.27 50.13
N GLU B 88 11.91 38.89 51.09
CA GLU B 88 12.95 37.90 50.83
C GLU B 88 12.41 36.47 50.98
N THR B 89 11.24 36.32 51.59
CA THR B 89 10.54 35.04 51.67
C THR B 89 10.05 34.54 50.29
N GLU B 90 9.56 35.46 49.46
CA GLU B 90 9.15 35.12 48.09
C GLU B 90 10.35 34.87 47.19
N ILE B 91 11.42 35.63 47.40
CA ILE B 91 12.70 35.38 46.73
C ILE B 91 13.14 33.94 46.97
N GLN B 92 13.04 33.48 48.23
CA GLN B 92 13.42 32.09 48.59
C GLN B 92 12.52 31.05 47.92
N ARG B 93 11.23 31.37 47.75
CA ARG B 93 10.29 30.49 47.03
C ARG B 93 10.60 30.45 45.54
N ILE B 94 10.71 31.64 44.93
CA ILE B 94 11.13 31.79 43.53
C ILE B 94 12.34 30.93 43.22
N MET B 95 13.40 31.07 44.01
CA MET B 95 14.67 30.39 43.75
C MET B 95 14.59 28.89 44.03
N HIS B 96 13.93 28.48 45.10
CA HIS B 96 13.76 27.03 45.38
C HIS B 96 12.94 26.33 44.32
N ASN B 97 11.96 27.04 43.78
CA ASN B 97 11.20 26.57 42.62
C ASN B 97 12.13 26.36 41.42
N TYR B 98 13.04 27.30 41.20
CA TYR B 98 14.03 27.20 40.14
C TYR B 98 14.95 25.98 40.36
N GLU B 99 15.40 25.77 41.59
CA GLU B 99 16.25 24.60 41.92
C GLU B 99 15.53 23.27 41.71
N LYS B 100 14.22 23.25 41.94
CA LYS B 100 13.40 22.06 41.66
C LYS B 100 13.31 21.78 40.15
N LEU B 101 13.31 22.83 39.31
CA LEU B 101 13.33 22.68 37.84
C LEU B 101 14.66 22.11 37.34
N LYS B 102 15.76 22.75 37.75
CA LYS B 102 17.12 22.28 37.41
C LYS B 102 17.34 20.81 37.78
N SER B 103 16.78 20.40 38.92
CA SER B 103 16.89 19.03 39.42
C SER B 103 16.14 18.03 38.54
N ARG B 104 14.99 18.44 38.02
CA ARG B 104 14.23 17.62 37.07
C ARG B 104 14.99 17.37 35.76
N ILE B 105 15.72 18.38 35.30
CA ILE B 105 16.47 18.26 34.03
C ILE B 105 17.51 17.15 34.12
N SER B 106 18.26 17.11 35.22
CA SER B 106 19.26 16.07 35.44
C SER B 106 18.70 14.65 35.29
N GLU B 107 17.46 14.44 35.76
CA GLU B 107 16.78 13.16 35.61
C GLU B 107 16.47 12.85 34.15
N ILE B 108 15.98 13.86 33.42
CA ILE B 108 15.65 13.70 32.00
C ILE B 108 16.91 13.45 31.16
N VAL B 109 18.01 14.13 31.49
CA VAL B 109 19.30 13.88 30.85
C VAL B 109 19.79 12.45 31.14
N ASP B 110 19.58 12.00 32.37
CA ASP B 110 19.97 10.64 32.82
C ASP B 110 19.24 9.58 32.02
N SER B 111 17.94 9.77 31.82
CA SER B 111 17.12 8.85 31.03
C SER B 111 17.44 8.91 29.54
N ARG B 112 17.78 10.09 29.02
CA ARG B 112 18.29 10.21 27.65
C ARG B 112 19.56 9.38 27.48
N ARG B 113 20.50 9.55 28.40
CA ARG B 113 21.78 8.84 28.38
C ARG B 113 21.59 7.30 28.39
N ARG B 114 20.61 6.81 29.15
CA ARG B 114 20.31 5.36 29.20
C ARG B 114 19.89 4.81 27.83
N LEU B 115 19.06 5.57 27.12
CA LEU B 115 18.64 5.19 25.76
C LEU B 115 19.77 5.27 24.77
N GLU B 116 20.67 6.25 24.91
CA GLU B 116 21.90 6.31 24.10
C GLU B 116 22.76 5.05 24.28
N GLU B 117 22.83 4.55 25.51
CA GLU B 117 23.52 3.28 25.79
C GLU B 117 22.82 2.07 25.17
N ASP B 118 21.48 2.08 25.13
CA ASP B 118 20.71 1.00 24.50
C ASP B 118 20.93 0.98 22.98
N LEU B 119 20.85 2.16 22.36
CA LEU B 119 21.10 2.34 20.92
C LEU B 119 22.51 1.93 20.51
N LYS B 120 23.47 2.14 21.41
CA LYS B 120 24.85 1.70 21.17
C LYS B 120 24.91 0.18 21.17
N LYS B 121 24.28 -0.45 22.15
CA LYS B 121 24.20 -1.92 22.22
C LYS B 121 23.39 -2.53 21.08
N GLN B 122 22.27 -1.91 20.73
CA GLN B 122 21.43 -2.39 19.61
C GLN B 122 22.04 -2.14 18.24
N ALA B 123 22.95 -1.17 18.12
CA ALA B 123 23.73 -1.00 16.87
C ALA B 123 24.73 -2.13 16.74
N ALA B 124 25.33 -2.54 17.86
CA ALA B 124 26.19 -3.73 17.94
C ALA B 124 25.46 -5.02 17.52
N GLU B 125 24.18 -5.15 17.90
CA GLU B 125 23.37 -6.29 17.48
C GLU B 125 23.21 -6.26 15.97
N TYR B 126 22.63 -5.18 15.46
CA TYR B 126 22.38 -4.97 14.03
C TYR B 126 23.58 -5.39 13.18
N ARG B 127 24.76 -4.89 13.54
CA ARG B 127 25.98 -5.18 12.80
C ARG B 127 26.32 -6.67 12.84
N GLU B 128 26.21 -7.27 14.02
CA GLU B 128 26.45 -8.70 14.20
C GLU B 128 25.46 -9.57 13.40
N ILE B 129 24.19 -9.15 13.35
CA ILE B 129 23.19 -9.84 12.52
C ILE B 129 23.65 -9.82 11.07
N ASP B 130 23.87 -8.62 10.54
CA ASP B 130 24.35 -8.42 9.16
C ASP B 130 25.64 -9.20 8.85
N LYS B 131 26.55 -9.28 9.82
CA LYS B 131 27.76 -10.09 9.68
C LYS B 131 27.41 -11.58 9.56
N ARG B 132 26.53 -12.05 10.45
CA ARG B 132 26.04 -13.43 10.41
C ARG B 132 25.27 -13.73 9.12
N MET B 133 24.44 -12.78 8.69
CA MET B 133 23.72 -12.89 7.41
C MET B 133 24.70 -13.05 6.24
N ASN B 134 25.73 -12.21 6.21
CA ASN B 134 26.71 -12.23 5.13
C ASN B 134 27.64 -13.45 5.15
N SER B 135 27.75 -14.13 6.31
CA SER B 135 28.48 -15.40 6.38
C SER B 135 27.64 -16.58 5.88
N ILE B 136 26.32 -16.50 6.06
CA ILE B 136 25.38 -17.56 5.64
C ILE B 136 25.02 -17.51 4.15
N LYS B 137 25.08 -16.31 3.54
CA LYS B 137 24.78 -16.13 2.12
C LYS B 137 25.55 -17.05 1.14
N PRO B 138 26.89 -17.13 1.25
CA PRO B 138 27.62 -17.99 0.28
C PRO B 138 27.23 -19.48 0.33
N ASP B 139 26.91 -19.99 1.52
CA ASP B 139 26.38 -21.35 1.67
C ASP B 139 25.01 -21.47 1.00
N LEU B 140 24.12 -20.53 1.32
CA LEU B 140 22.76 -20.49 0.77
C LEU B 140 22.74 -20.45 -0.76
N ILE B 141 23.68 -19.71 -1.35
CA ILE B 141 23.81 -19.62 -2.81
C ILE B 141 24.36 -20.92 -3.44
N GLN B 142 25.46 -21.45 -2.89
CA GLN B 142 26.07 -22.68 -3.44
C GLN B 142 25.17 -23.91 -3.27
N LEU B 143 24.42 -23.96 -2.19
CA LEU B 143 23.36 -24.97 -2.02
C LEU B 143 22.20 -24.81 -3.00
N ARG B 144 21.89 -23.58 -3.41
CA ARG B 144 20.89 -23.34 -4.45
C ARG B 144 21.39 -23.85 -5.80
N LYS B 145 22.62 -23.48 -6.15
CA LYS B 145 23.22 -23.88 -7.44
C LYS B 145 23.51 -25.38 -7.54
N THR B 146 23.89 -25.99 -6.42
CA THR B 146 24.09 -27.44 -6.36
C THR B 146 22.77 -28.16 -6.61
N ARG B 147 21.77 -27.85 -5.80
CA ARG B 147 20.41 -28.41 -5.94
C ARG B 147 19.92 -28.33 -7.39
N ASP B 148 20.15 -27.18 -8.03
CA ASP B 148 19.70 -26.97 -9.41
C ASP B 148 20.50 -27.77 -10.43
N GLN B 149 21.80 -27.95 -10.21
CA GLN B 149 22.62 -28.80 -11.09
C GLN B 149 22.20 -30.28 -11.05
N TYR B 150 21.79 -30.76 -9.88
CA TYR B 150 21.32 -32.15 -9.75
C TYR B 150 19.94 -32.35 -10.41
N LEU B 151 19.04 -31.38 -10.26
CA LEU B 151 17.76 -31.38 -11.01
C LEU B 151 17.98 -31.51 -12.51
N MET B 152 18.82 -30.63 -13.03
CA MET B 152 19.13 -30.56 -14.47
C MET B 152 19.83 -31.81 -14.97
N TRP B 153 20.70 -32.38 -14.13
CA TRP B 153 21.34 -33.65 -14.45
C TRP B 153 20.35 -34.77 -14.59
N LEU B 154 19.37 -34.83 -13.69
CA LEU B 154 18.35 -35.90 -13.72
C LEU B 154 17.34 -35.68 -14.86
N THR B 155 16.93 -34.44 -15.09
CA THR B 155 16.03 -34.09 -16.20
C THR B 155 16.64 -34.56 -17.52
N GLN B 156 17.91 -34.20 -17.75
CA GLN B 156 18.68 -34.65 -18.91
C GLN B 156 18.70 -36.16 -19.01
N LYS B 157 19.01 -36.82 -17.90
CA LYS B 157 19.06 -38.28 -17.85
C LYS B 157 17.71 -38.92 -18.17
N GLY B 158 16.64 -38.14 -18.04
CA GLY B 158 15.31 -38.51 -18.48
C GLY B 158 14.39 -38.91 -17.34
N VAL B 159 14.72 -38.50 -16.12
CA VAL B 159 13.98 -38.95 -14.94
C VAL B 159 12.62 -38.26 -14.95
N ARG B 160 11.58 -39.04 -14.66
CA ARG B 160 10.20 -38.58 -14.75
C ARG B 160 9.90 -37.60 -13.62
N GLN B 161 8.98 -36.67 -13.87
CA GLN B 161 8.68 -35.59 -12.92
C GLN B 161 8.18 -36.08 -11.56
N LYS B 162 7.40 -37.17 -11.54
CA LYS B 162 6.95 -37.81 -10.31
C LYS B 162 8.11 -38.15 -9.37
N LYS B 163 9.17 -38.74 -9.92
CA LYS B 163 10.36 -39.13 -9.16
C LYS B 163 11.11 -37.93 -8.58
N LEU B 164 11.21 -36.85 -9.34
CA LEU B 164 11.91 -35.65 -8.88
C LEU B 164 11.17 -35.00 -7.71
N ASN B 165 9.83 -35.01 -7.78
CA ASN B 165 8.99 -34.43 -6.74
C ASN B 165 9.05 -35.21 -5.43
N GLU B 166 9.19 -36.53 -5.50
CA GLU B 166 9.47 -37.35 -4.31
C GLU B 166 10.68 -36.84 -3.53
N TRP B 167 11.76 -36.53 -4.25
CA TRP B 167 13.00 -36.04 -3.64
C TRP B 167 12.90 -34.61 -3.17
N LEU B 168 12.36 -33.72 -4.00
CA LEU B 168 12.23 -32.29 -3.64
C LEU B 168 11.22 -32.00 -2.50
N GLY B 169 10.30 -32.92 -2.23
CA GLY B 169 9.36 -32.79 -1.12
C GLY B 169 10.00 -32.95 0.25
C1 YA7 C . -6.93 -12.72 4.91
C3 YA7 C . -8.60 -13.86 6.22
C5 YA7 C . -10.80 -14.00 5.45
C6 YA7 C . -11.28 -14.34 6.71
C7 YA7 C . -12.72 -14.59 7.03
C8 YA7 C . -13.04 -15.73 7.79
C11 YA7 C . -13.95 -18.45 8.72
C12 YA7 C . -14.22 -19.53 9.54
N13 YA7 C . -15.10 -19.44 10.53
C16 YA7 C . -18.11 -18.45 11.64
C17 YA7 C . -18.85 -17.31 12.35
C19 YA7 C . -20.33 -17.71 12.50
O20 YA7 C . -18.30 -17.04 13.65
C21 YA7 C . -16.89 -16.77 13.70
C23 YA7 C . -16.44 -16.48 15.14
C24 YA7 C . -16.16 -18.02 13.19
C27 YA7 C . -15.06 -13.99 6.96
O29 YA7 C . -17.09 -12.83 6.51
C31 YA7 C . -13.73 -12.44 5.83
C32 YA7 C . -13.72 -13.72 6.62
C33 YA7 C . -10.36 -14.43 7.76
C34 YA7 C . -9.02 -14.20 7.51
C37 YA7 C . -9.08 -15.70 10.74
O2 YA7 C . -7.29 -13.64 5.97
N4 YA7 C . -9.51 -13.78 5.24
C9 YA7 C . -14.37 -16.02 8.11
C10 YA7 C . -14.64 -17.23 8.94
C14 YA7 C . -15.76 -18.32 10.77
N15 YA7 C . -16.66 -18.28 11.83
C25 YA7 C . -15.54 -17.18 10.01
C26 YA7 C . -15.38 -15.14 7.71
C28 YA7 C . -15.89 -12.91 6.40
N30 YA7 C . -15.13 -12.01 5.76
N35 YA7 C . -8.15 -14.31 8.58
S36 YA7 C . -7.93 -15.76 9.35
O38 YA7 C . -8.38 -16.74 8.42
O39 YA7 C . -6.58 -15.74 9.83
CL CL D . 9.98 7.13 28.02
#